data_8G8C
#
_entry.id   8G8C
#
_cell.length_a   75.308
_cell.length_b   182.950
_cell.length_c   84.414
_cell.angle_alpha   90.00
_cell.angle_beta   92.28
_cell.angle_gamma   90.00
#
_symmetry.space_group_name_H-M   'C 1 2 1'
#
loop_
_entity.id
_entity.type
_entity.pdbx_description
1 polymer 'DH1322.1 heavy chain'
2 polymer 'DH1322.1 light chain'
3 polymer 'Env polyprotein'
4 branched beta-D-mannopyranose-(1-4)-2-acetamido-2-deoxy-beta-D-glucopyranose-(1-4)-2-acetamido-2-deoxy-beta-D-glucopyranose
5 non-polymer 2-acetamido-2-deoxy-beta-D-glucopyranose
6 water water
#
loop_
_entity_poly.entity_id
_entity_poly.type
_entity_poly.pdbx_seq_one_letter_code
_entity_poly.pdbx_strand_id
1 'polypeptide(L)'
;QVQLVQSGSELKKPGASVNISCKASGYNFTSHALNWVRQAPGQGLDWLGWINTNTGNPTYAQGFTGRFVFSLDTSVGSAY
LQISSLKAEDSAVYFCARVRFHGSGSFPQPADFYYYMDVWGKGTTVTVSSASTKGPSVFPLAPSSKSTSGGTAALGCLVK
DYFPEPVTVSWNSGALTSGVHTFPAVLQSSGLYSLSSVVTVPSSSLGTQTYICNVNHKPSNTKVDKKVEPKSC
;
H,A
2 'polypeptide(L)'
;EIVLTQSPGTLSLSPGERGTLSCRASQSVRGGYLAWYQQKPGQAPRLLIYGASSRATGIPDRFSGSASGTDYTLTISRLE
PEDFAVYYCQFYGGSPRALTFGGGTKVEIKRTVAAPSVFIFPPSDEQLKSGTASVVCLLNNFYPREAKVQWKVDNALQSG
NSQESVTEQDSKDSTYSLSSTLTLSKADYEKHKVYACEVTHQGLSSPVTKSFNRGEC
;
L,B
3 'polypeptide(L)' KNQQEKNEQELLELDKWASLWNK C,P
#
loop_
_chem_comp.id
_chem_comp.type
_chem_comp.name
_chem_comp.formula
BMA D-saccharide, beta linking beta-D-mannopyranose 'C6 H12 O6'
NAG D-saccharide, beta linking 2-acetamido-2-deoxy-beta-D-glucopyranose 'C8 H15 N O6'
#
# COMPACT_ATOMS: atom_id res chain seq x y z
N GLN A 1 -5.46 45.41 -0.96
CA GLN A 1 -4.75 46.01 -2.09
C GLN A 1 -3.25 45.81 -2.05
N VAL A 2 -2.75 45.36 -0.90
CA VAL A 2 -1.38 44.84 -0.85
C VAL A 2 -1.37 43.53 -1.63
N GLN A 3 -0.42 43.41 -2.56
CA GLN A 3 -0.38 42.32 -3.50
C GLN A 3 1.07 42.06 -3.92
N LEU A 4 1.35 40.78 -4.17
CA LEU A 4 2.61 40.28 -4.72
C LEU A 4 2.27 39.54 -5.99
N VAL A 5 2.85 39.99 -7.12
CA VAL A 5 2.55 39.41 -8.42
C VAL A 5 3.75 38.60 -8.87
N GLN A 6 3.54 37.32 -9.09
CA GLN A 6 4.60 36.40 -9.46
C GLN A 6 4.54 36.10 -10.94
N SER A 7 5.68 35.75 -11.50
CA SER A 7 5.77 35.46 -12.92
C SER A 7 5.10 34.12 -13.22
N GLY A 8 5.00 33.83 -14.51
CA GLY A 8 4.24 32.68 -14.97
C GLY A 8 4.98 31.35 -14.87
N SER A 9 4.22 30.29 -15.09
CA SER A 9 4.74 28.95 -14.97
C SER A 9 5.89 28.71 -15.94
N GLU A 10 6.77 27.80 -15.55
CA GLU A 10 8.04 27.59 -16.22
C GLU A 10 8.26 26.11 -16.46
N LEU A 11 8.69 25.77 -17.66
CA LEU A 11 9.07 24.41 -18.03
C LEU A 11 10.55 24.40 -18.40
N LYS A 12 11.33 23.59 -17.69
CA LYS A 12 12.77 23.61 -17.83
C LYS A 12 13.28 22.17 -17.85
N LYS A 13 14.41 21.95 -18.56
CA LYS A 13 15.05 20.65 -18.59
C LYS A 13 16.07 20.55 -17.46
N PRO A 14 16.40 19.32 -17.06
CA PRO A 14 17.41 19.14 -16.00
C PRO A 14 18.72 19.82 -16.39
N GLY A 15 19.29 20.56 -15.44
CA GLY A 15 20.51 21.29 -15.69
C GLY A 15 20.32 22.73 -16.10
N ALA A 16 19.12 23.12 -16.50
CA ALA A 16 18.85 24.50 -16.87
C ALA A 16 18.70 25.40 -15.64
N SER A 17 18.47 26.69 -15.91
CA SER A 17 18.21 27.70 -14.89
C SER A 17 16.83 28.32 -15.10
N VAL A 18 16.31 28.88 -14.03
CA VAL A 18 15.03 29.58 -14.04
C VAL A 18 15.19 30.81 -13.17
N ASN A 19 14.45 31.85 -13.48
CA ASN A 19 14.52 33.13 -12.74
C ASN A 19 13.08 33.61 -12.61
N ILE A 20 12.52 33.52 -11.42
CA ILE A 20 11.10 33.87 -11.19
C ILE A 20 11.06 35.20 -10.45
N SER A 21 10.10 36.05 -10.77
CA SER A 21 9.98 37.40 -10.19
C SER A 21 8.76 37.49 -9.28
N CYS A 22 8.76 38.47 -8.40
CA CYS A 22 7.64 38.75 -7.48
C CYS A 22 7.61 40.27 -7.30
N LYS A 23 6.64 40.95 -7.90
CA LYS A 23 6.56 42.43 -7.86
C LYS A 23 5.53 42.90 -6.84
N ALA A 24 5.93 43.74 -5.90
CA ALA A 24 5.05 44.26 -4.84
C ALA A 24 4.12 45.34 -5.40
N SER A 25 2.98 45.54 -4.77
CA SER A 25 1.99 46.56 -5.17
C SER A 25 1.21 46.95 -3.92
N GLY A 26 0.96 48.25 -3.72
CA GLY A 26 0.15 48.72 -2.58
C GLY A 26 0.97 48.91 -1.34
N TYR A 27 2.29 48.78 -1.42
CA TYR A 27 3.16 49.00 -0.25
C TYR A 27 4.59 49.32 -0.66
N ASN A 28 5.39 49.82 0.25
CA ASN A 28 6.82 50.14 -0.03
C ASN A 28 7.61 48.84 -0.03
N PHE A 29 8.07 48.41 -1.19
CA PHE A 29 8.82 47.16 -1.36
C PHE A 29 9.97 47.03 -0.35
N THR A 30 10.60 48.13 0.06
CA THR A 30 11.81 48.11 0.93
C THR A 30 11.46 48.13 2.41
N SER A 31 10.19 48.20 2.78
CA SER A 31 9.73 48.29 4.19
C SER A 31 9.53 46.91 4.79
N HIS A 32 9.45 45.86 3.98
CA HIS A 32 9.19 44.49 4.45
C HIS A 32 10.06 43.45 3.76
N ALA A 33 10.61 42.50 4.51
CA ALA A 33 11.36 41.37 3.95
C ALA A 33 10.44 40.50 3.11
N LEU A 34 10.99 39.69 2.21
CA LEU A 34 10.21 38.73 1.40
C LEU A 34 10.75 37.33 1.64
N ASN A 35 9.88 36.39 1.98
CA ASN A 35 10.25 34.97 2.17
C ASN A 35 10.02 34.24 0.86
N TRP A 36 10.79 33.20 0.58
CA TRP A 36 10.57 32.33 -0.60
C TRP A 36 10.21 30.96 -0.04
N VAL A 37 9.02 30.44 -0.38
CA VAL A 37 8.54 29.13 0.15
C VAL A 37 8.24 28.22 -1.03
N ARG A 38 8.74 27.00 -0.97
CA ARG A 38 8.54 26.00 -2.04
C ARG A 38 7.51 24.98 -1.57
N GLN A 39 6.72 24.47 -2.48
CA GLN A 39 5.79 23.37 -2.17
C GLN A 39 5.88 22.36 -3.29
N ALA A 40 6.54 21.26 -3.04
CA ALA A 40 6.66 20.17 -4.01
C ALA A 40 5.28 19.55 -4.21
N PRO A 41 5.04 18.86 -5.33
CA PRO A 41 3.71 18.31 -5.61
C PRO A 41 3.28 17.33 -4.51
N GLY A 42 2.12 17.54 -3.91
CA GLY A 42 1.58 16.66 -2.86
C GLY A 42 2.36 16.75 -1.57
N GLN A 43 3.07 17.85 -1.36
CA GLN A 43 3.95 17.99 -0.17
C GLN A 43 3.62 19.27 0.58
N GLY A 44 4.27 19.46 1.72
CA GLY A 44 4.04 20.64 2.56
C GLY A 44 4.89 21.81 2.15
N LEU A 45 4.97 22.83 3.00
CA LEU A 45 5.71 24.07 2.71
C LEU A 45 7.17 23.94 3.15
N ASP A 46 8.09 24.44 2.34
CA ASP A 46 9.55 24.44 2.64
C ASP A 46 10.07 25.87 2.54
N TRP A 47 10.57 26.43 3.63
CA TRP A 47 11.17 27.79 3.63
C TRP A 47 12.54 27.74 2.92
N LEU A 48 12.69 28.48 1.83
CA LEU A 48 13.97 28.56 1.07
C LEU A 48 14.85 29.63 1.73
N GLY A 49 14.25 30.57 2.44
CA GLY A 49 14.97 31.68 3.07
C GLY A 49 14.28 33.00 2.84
N TRP A 50 14.96 34.11 3.09
CA TRP A 50 14.38 35.47 2.90
C TRP A 50 15.38 36.43 2.27
N ILE A 51 14.87 37.54 1.74
CA ILE A 51 15.72 38.61 1.16
C ILE A 51 15.38 39.91 1.87
N ASN A 52 16.38 40.59 2.43
CA ASN A 52 16.19 41.91 3.04
C ASN A 52 15.99 42.89 1.90
N THR A 53 14.81 43.49 1.77
CA THR A 53 14.47 44.39 0.63
C THR A 53 15.11 45.76 0.87
N ASN A 54 15.66 46.00 2.06
CA ASN A 54 16.31 47.28 2.42
C ASN A 54 17.81 47.22 2.08
N THR A 55 18.45 46.06 2.23
CA THR A 55 19.92 45.90 2.03
C THR A 55 20.27 45.02 0.85
N GLY A 56 19.37 44.16 0.38
CA GLY A 56 19.65 43.21 -0.71
C GLY A 56 20.29 41.94 -0.19
N ASN A 57 20.56 41.88 1.11
CA ASN A 57 21.24 40.71 1.74
C ASN A 57 20.30 39.52 1.77
N PRO A 58 20.70 38.36 1.23
CA PRO A 58 19.89 37.16 1.29
C PRO A 58 20.25 36.19 2.42
N THR A 59 19.27 35.53 3.03
CA THR A 59 19.49 34.46 4.03
C THR A 59 18.90 33.19 3.46
N TYR A 60 19.72 32.17 3.28
CA TYR A 60 19.28 30.91 2.67
C TYR A 60 19.09 29.86 3.76
N ALA A 61 18.00 29.12 3.68
CA ALA A 61 17.73 28.01 4.61
C ALA A 61 18.84 26.99 4.44
N GLN A 62 19.06 26.15 5.45
CA GLN A 62 20.17 25.17 5.47
C GLN A 62 20.34 24.42 4.14
N GLY A 63 19.28 23.94 3.53
CA GLY A 63 19.41 23.09 2.33
C GLY A 63 19.40 23.81 1.00
N PHE A 64 19.34 25.14 0.97
CA PHE A 64 19.18 25.90 -0.28
C PHE A 64 20.28 26.94 -0.44
N THR A 65 21.46 26.71 0.11
CA THR A 65 22.55 27.71 0.11
C THR A 65 23.44 27.56 -1.13
N GLY A 66 23.13 26.62 -2.02
CA GLY A 66 24.00 26.34 -3.18
C GLY A 66 23.43 26.78 -4.53
N ARG A 67 22.35 26.15 -4.99
CA ARG A 67 21.82 26.40 -6.35
C ARG A 67 20.70 27.45 -6.36
N PHE A 68 20.39 28.05 -5.22
CA PHE A 68 19.31 29.06 -5.10
C PHE A 68 19.92 30.43 -4.81
N VAL A 69 19.53 31.45 -5.56
CA VAL A 69 20.03 32.83 -5.37
C VAL A 69 18.85 33.81 -5.34
N PHE A 70 18.73 34.62 -4.30
CA PHE A 70 17.69 35.67 -4.18
C PHE A 70 18.31 37.00 -4.60
N SER A 71 17.64 37.80 -5.41
CA SER A 71 18.14 39.12 -5.87
C SER A 71 17.03 40.16 -5.77
N LEU A 72 17.36 41.43 -5.97
CA LEU A 72 16.41 42.55 -5.84
C LEU A 72 16.50 43.50 -7.04
N ASP A 73 15.52 44.36 -7.21
CA ASP A 73 15.51 45.43 -8.25
C ASP A 73 14.51 46.45 -7.70
N THR A 74 14.89 47.18 -6.66
CA THR A 74 14.00 48.14 -5.97
C THR A 74 13.43 49.16 -6.95
N SER A 75 14.03 49.31 -8.13
CA SER A 75 13.54 50.25 -9.18
C SER A 75 12.18 49.77 -9.67
N VAL A 76 12.04 48.46 -9.92
CA VAL A 76 10.76 47.87 -10.42
C VAL A 76 10.03 47.28 -9.22
N GLY A 77 10.45 47.64 -8.01
CA GLY A 77 9.87 47.08 -6.77
C GLY A 77 9.57 45.61 -6.98
N SER A 78 10.59 44.82 -7.28
CA SER A 78 10.44 43.37 -7.53
C SER A 78 11.64 42.61 -6.98
N ALA A 79 11.45 41.38 -6.52
CA ALA A 79 12.50 40.49 -6.00
C ALA A 79 12.59 39.30 -6.94
N TYR A 80 13.68 38.55 -6.93
CA TYR A 80 13.86 37.41 -7.86
C TYR A 80 14.45 36.19 -7.15
N LEU A 81 14.10 34.99 -7.62
CA LEU A 81 14.63 33.72 -7.08
C LEU A 81 15.19 32.96 -8.27
N GLN A 82 16.49 32.80 -8.35
CA GLN A 82 17.10 32.04 -9.47
C GLN A 82 17.59 30.69 -8.97
N ILE A 83 17.15 29.62 -9.63
CA ILE A 83 17.61 28.24 -9.32
C ILE A 83 18.55 27.84 -10.45
N SER A 84 19.69 27.28 -10.12
CA SER A 84 20.72 26.88 -11.11
C SER A 84 20.82 25.35 -11.12
N SER A 85 21.28 24.76 -12.22
CA SER A 85 21.46 23.29 -12.35
C SER A 85 20.21 22.62 -11.82
N LEU A 86 19.06 22.92 -12.41
CA LEU A 86 17.76 22.41 -11.91
C LEU A 86 17.74 20.90 -11.85
N LYS A 87 16.95 20.32 -10.95
CA LYS A 87 16.81 18.87 -10.81
C LYS A 87 15.31 18.62 -10.82
N ALA A 88 14.88 17.41 -11.11
CA ALA A 88 13.43 17.06 -11.11
C ALA A 88 12.88 17.35 -9.72
N GLU A 89 13.71 17.24 -8.69
CA GLU A 89 13.32 17.49 -7.28
C GLU A 89 12.98 18.97 -7.09
N ASP A 90 13.45 19.85 -7.96
CA ASP A 90 13.18 21.31 -7.89
C ASP A 90 11.79 21.56 -8.44
N SER A 91 11.19 20.57 -9.09
CA SER A 91 9.81 20.70 -9.60
C SER A 91 8.92 21.02 -8.39
N ALA A 92 8.26 22.17 -8.38
CA ALA A 92 7.45 22.62 -7.24
C ALA A 92 6.81 23.96 -7.53
N VAL A 93 5.87 24.39 -6.69
CA VAL A 93 5.30 25.75 -6.79
C VAL A 93 6.17 26.59 -5.88
N TYR A 94 6.66 27.72 -6.36
CA TYR A 94 7.52 28.63 -5.58
C TYR A 94 6.64 29.82 -5.24
N PHE A 95 6.56 30.20 -3.97
CA PHE A 95 5.69 31.31 -3.50
C PHE A 95 6.52 32.46 -2.97
N CYS A 96 6.09 33.67 -3.24
CA CYS A 96 6.70 34.90 -2.69
C CYS A 96 5.77 35.29 -1.55
N ALA A 97 6.27 35.77 -0.42
CA ALA A 97 5.42 36.12 0.73
C ALA A 97 6.01 37.29 1.49
N ARG A 98 5.19 38.31 1.79
CA ARG A 98 5.63 39.50 2.56
C ARG A 98 5.74 39.12 4.02
N VAL A 99 6.91 39.34 4.61
CA VAL A 99 7.13 39.06 6.05
C VAL A 99 6.70 40.29 6.84
N ARG A 100 6.08 40.08 7.99
CA ARG A 100 5.68 41.17 8.91
C ARG A 100 6.38 40.85 10.23
N PHE A 101 7.23 41.74 10.70
CA PHE A 101 7.99 41.55 11.95
C PHE A 101 7.79 42.81 12.78
N HIS A 102 7.00 42.72 13.82
CA HIS A 102 6.65 43.89 14.64
C HIS A 102 6.21 43.43 16.01
N GLY A 103 6.22 44.33 16.98
CA GLY A 103 5.81 44.01 18.34
C GLY A 103 6.06 45.18 19.25
N SER A 104 6.47 44.92 20.47
CA SER A 104 6.74 45.97 21.48
C SER A 104 8.06 45.68 22.18
N GLY A 105 8.86 46.69 22.45
CA GLY A 105 10.11 46.51 23.21
C GLY A 105 11.32 46.98 22.45
N SER A 106 12.44 47.15 23.15
CA SER A 106 13.71 47.59 22.52
C SER A 106 14.19 46.50 21.58
N PHE A 107 14.25 45.25 22.04
CA PHE A 107 14.78 44.13 21.24
C PHE A 107 13.66 43.16 20.85
N PRO A 108 13.65 42.65 19.60
CA PRO A 108 12.64 41.70 19.18
C PRO A 108 12.82 40.31 19.81
N GLN A 109 11.75 39.74 20.36
CA GLN A 109 11.78 38.36 20.91
C GLN A 109 10.39 37.75 20.80
N PRO A 110 10.25 36.41 20.83
CA PRO A 110 8.96 35.75 20.64
C PRO A 110 7.87 36.14 21.66
N ALA A 111 8.25 36.55 22.86
CA ALA A 111 7.30 36.95 23.92
C ALA A 111 6.69 38.32 23.62
N ASP A 112 7.34 39.14 22.81
CA ASP A 112 6.89 40.54 22.58
C ASP A 112 6.72 40.85 21.09
N PHE A 113 7.22 40.02 20.19
CA PHE A 113 7.18 40.33 18.73
C PHE A 113 6.43 39.23 17.97
N TYR A 114 5.98 39.57 16.76
CA TYR A 114 5.23 38.64 15.90
C TYR A 114 5.95 38.51 14.56
N TYR A 115 6.12 37.30 14.06
CA TYR A 115 6.69 37.04 12.72
C TYR A 115 5.58 36.33 11.98
N TYR A 116 5.18 36.82 10.82
CA TYR A 116 4.16 36.14 10.01
C TYR A 116 4.18 36.64 8.57
N MET A 117 3.65 35.84 7.66
CA MET A 117 3.57 36.19 6.24
C MET A 117 2.11 36.52 5.96
N ASP A 118 1.79 37.80 5.75
CA ASP A 118 0.39 38.26 5.59
C ASP A 118 -0.05 38.22 4.13
N VAL A 119 0.79 38.66 3.20
CA VAL A 119 0.46 38.71 1.76
C VAL A 119 1.34 37.70 1.04
N TRP A 120 0.74 36.82 0.25
CA TRP A 120 1.46 35.78 -0.52
C TRP A 120 1.19 35.96 -2.01
N GLY A 121 2.17 35.71 -2.85
CA GLY A 121 1.94 35.68 -4.29
C GLY A 121 1.16 34.42 -4.61
N LYS A 122 0.55 34.34 -5.79
CA LYS A 122 -0.32 33.20 -6.16
C LYS A 122 0.53 31.96 -6.36
N GLY A 123 1.84 32.13 -6.53
CA GLY A 123 2.76 30.99 -6.72
C GLY A 123 3.21 30.86 -8.16
N THR A 124 4.42 30.37 -8.38
CA THR A 124 5.01 30.17 -9.72
C THR A 124 5.39 28.71 -9.84
N THR A 125 4.66 27.95 -10.66
CA THR A 125 4.93 26.52 -10.88
C THR A 125 6.22 26.42 -11.69
N VAL A 126 7.12 25.53 -11.31
CA VAL A 126 8.37 25.27 -12.05
C VAL A 126 8.42 23.77 -12.25
N THR A 127 8.21 23.28 -13.47
CA THR A 127 8.24 21.84 -13.80
C THR A 127 9.59 21.51 -14.43
N VAL A 128 10.42 20.72 -13.75
CA VAL A 128 11.77 20.32 -14.26
C VAL A 128 11.67 18.90 -14.81
N SER A 129 11.62 18.74 -16.13
CA SER A 129 11.48 17.42 -16.80
C SER A 129 12.26 17.35 -18.12
N SER A 130 12.96 16.23 -18.36
CA SER A 130 13.71 16.00 -19.62
C SER A 130 12.73 15.58 -20.72
N ALA A 131 11.42 15.62 -20.46
CA ALA A 131 10.37 15.25 -21.43
C ALA A 131 9.96 16.49 -22.21
N SER A 132 9.32 16.32 -23.36
CA SER A 132 8.94 17.45 -24.25
C SER A 132 7.43 17.53 -24.37
N THR A 133 6.92 18.71 -24.67
CA THR A 133 5.46 18.93 -24.78
C THR A 133 4.87 17.91 -25.72
N LYS A 134 4.05 16.99 -25.22
CA LYS A 134 3.34 15.98 -26.05
C LYS A 134 1.84 16.12 -25.78
N GLY A 135 1.01 15.80 -26.76
CA GLY A 135 -0.46 15.89 -26.61
C GLY A 135 -1.04 14.59 -26.07
N PRO A 136 -2.28 14.59 -25.54
CA PRO A 136 -2.84 13.40 -24.94
C PRO A 136 -3.50 12.38 -25.88
N SER A 137 -3.29 11.08 -25.66
CA SER A 137 -3.97 9.99 -26.39
C SER A 137 -5.24 9.65 -25.60
N VAL A 138 -6.42 10.02 -26.09
CA VAL A 138 -7.72 9.80 -25.36
C VAL A 138 -8.35 8.47 -25.76
N PHE A 139 -8.28 7.45 -24.90
CA PHE A 139 -8.86 6.10 -25.15
C PHE A 139 -10.20 6.00 -24.40
N PRO A 140 -11.25 5.36 -24.93
CA PRO A 140 -12.50 5.24 -24.21
C PRO A 140 -12.53 4.15 -23.14
N LEU A 141 -13.25 4.36 -22.03
CA LEU A 141 -13.47 3.35 -20.99
C LEU A 141 -14.93 2.93 -21.17
N ALA A 142 -15.20 1.99 -22.07
CA ALA A 142 -16.57 1.59 -22.46
C ALA A 142 -17.35 1.02 -21.29
N PRO A 143 -18.67 1.28 -21.22
CA PRO A 143 -19.48 0.72 -20.15
C PRO A 143 -19.61 -0.80 -20.29
N SER A 144 -19.72 -1.52 -19.18
CA SER A 144 -19.80 -3.01 -19.15
C SER A 144 -21.25 -3.50 -19.30
N SER A 145 -21.48 -4.81 -19.21
CA SER A 145 -22.82 -5.43 -19.29
C SER A 145 -22.75 -6.84 -18.71
N GLY A 151 -28.41 -1.06 -12.15
CA GLY A 151 -29.23 -0.01 -12.78
C GLY A 151 -28.41 1.16 -13.22
N THR A 152 -27.14 1.22 -12.80
CA THR A 152 -26.21 2.32 -13.16
C THR A 152 -25.01 1.74 -13.90
N ALA A 153 -24.56 2.41 -14.95
CA ALA A 153 -23.40 2.00 -15.75
C ALA A 153 -22.29 3.03 -15.59
N ALA A 154 -21.03 2.59 -15.51
CA ALA A 154 -19.88 3.50 -15.41
C ALA A 154 -19.12 3.48 -16.74
N LEU A 155 -18.75 4.64 -17.24
CA LEU A 155 -17.97 4.76 -18.49
C LEU A 155 -17.02 5.94 -18.27
N GLY A 156 -15.99 6.06 -19.10
CA GLY A 156 -14.99 7.12 -18.90
C GLY A 156 -14.06 7.28 -20.09
N CYS A 157 -13.00 8.05 -19.92
CA CYS A 157 -11.99 8.29 -20.98
C CYS A 157 -10.62 8.28 -20.32
N LEU A 158 -9.68 7.52 -20.87
CA LEU A 158 -8.29 7.52 -20.38
C LEU A 158 -7.49 8.56 -21.17
N VAL A 159 -7.20 9.72 -20.58
CA VAL A 159 -6.34 10.76 -21.20
C VAL A 159 -4.91 10.39 -20.83
N LYS A 160 -4.18 9.75 -21.74
CA LYS A 160 -2.85 9.20 -21.41
C LYS A 160 -1.68 9.82 -22.16
N ASP A 161 -0.48 9.77 -21.58
CA ASP A 161 0.77 10.23 -22.22
C ASP A 161 0.63 11.66 -22.74
N TYR A 162 0.55 12.67 -21.86
CA TYR A 162 0.52 14.09 -22.26
C TYR A 162 1.53 14.83 -21.40
N PHE A 163 2.04 15.96 -21.88
CA PHE A 163 3.05 16.76 -21.15
C PHE A 163 3.07 18.16 -21.75
N PRO A 164 3.25 19.24 -20.96
CA PRO A 164 3.10 19.20 -19.51
C PRO A 164 1.69 19.46 -19.03
N GLU A 165 1.38 19.15 -17.78
CA GLU A 165 0.07 19.48 -17.18
C GLU A 165 -0.30 20.93 -17.53
N PRO A 166 -1.59 21.30 -17.57
CA PRO A 166 -2.69 20.38 -17.30
C PRO A 166 -3.59 20.03 -18.48
N VAL A 167 -4.43 19.02 -18.34
CA VAL A 167 -5.45 18.65 -19.37
C VAL A 167 -6.79 18.96 -18.74
N THR A 168 -7.74 19.48 -19.51
CA THR A 168 -9.11 19.73 -19.05
C THR A 168 -9.98 18.63 -19.66
N VAL A 169 -10.98 18.14 -18.93
CA VAL A 169 -11.89 17.08 -19.43
C VAL A 169 -13.30 17.47 -19.03
N SER A 170 -14.26 17.33 -19.94
CA SER A 170 -15.68 17.62 -19.68
C SER A 170 -16.51 16.53 -20.34
N TRP A 171 -17.76 16.38 -19.93
CA TRP A 171 -18.66 15.37 -20.53
C TRP A 171 -19.87 16.10 -21.13
N ASN A 172 -20.18 15.79 -22.39
CA ASN A 172 -21.32 16.44 -23.10
C ASN A 172 -21.06 17.94 -23.02
N SER A 173 -19.80 18.35 -23.24
CA SER A 173 -19.37 19.76 -23.22
C SER A 173 -19.95 20.48 -22.01
N GLY A 174 -20.08 19.82 -20.86
CA GLY A 174 -20.50 20.48 -19.62
C GLY A 174 -21.94 20.22 -19.27
N ALA A 175 -22.72 19.70 -20.19
CA ALA A 175 -24.11 19.31 -19.90
C ALA A 175 -24.08 18.14 -18.91
N LEU A 176 -23.09 17.25 -19.03
CA LEU A 176 -22.92 16.12 -18.09
C LEU A 176 -21.92 16.54 -17.01
N THR A 177 -22.40 16.92 -15.86
CA THR A 177 -21.56 17.35 -14.71
C THR A 177 -21.78 16.37 -13.56
N SER A 178 -23.02 15.96 -13.32
CA SER A 178 -23.37 15.02 -12.23
C SER A 178 -22.77 13.63 -12.50
N GLY A 179 -22.11 13.04 -11.50
CA GLY A 179 -21.53 11.68 -11.61
C GLY A 179 -20.15 11.69 -12.20
N VAL A 180 -19.64 12.85 -12.60
CA VAL A 180 -18.33 12.95 -13.28
C VAL A 180 -17.21 12.98 -12.24
N HIS A 181 -16.12 12.26 -12.49
CA HIS A 181 -14.94 12.23 -11.60
C HIS A 181 -13.70 12.21 -12.48
N THR A 182 -12.99 13.32 -12.57
CA THR A 182 -11.72 13.38 -13.31
C THR A 182 -10.64 13.24 -12.24
N PHE A 183 -9.86 12.19 -12.34
CA PHE A 183 -8.84 11.87 -11.32
C PHE A 183 -7.64 12.79 -11.47
N PRO A 184 -6.96 13.14 -10.37
CA PRO A 184 -5.75 13.91 -10.48
C PRO A 184 -4.82 13.22 -11.47
N ALA A 185 -3.99 13.97 -12.18
CA ALA A 185 -3.02 13.40 -13.13
C ALA A 185 -1.91 12.71 -12.34
N VAL A 186 -1.37 11.62 -12.89
CA VAL A 186 -0.24 10.88 -12.28
C VAL A 186 0.91 10.99 -13.27
N LEU A 187 2.15 10.99 -12.79
CA LEU A 187 3.33 11.02 -13.68
C LEU A 187 3.80 9.58 -13.87
N GLN A 188 3.87 9.13 -15.11
CA GLN A 188 4.27 7.74 -15.43
C GLN A 188 5.79 7.68 -15.52
N SER A 189 6.38 6.49 -15.46
CA SER A 189 7.84 6.29 -15.60
C SER A 189 8.34 6.96 -16.88
N SER A 190 7.46 7.14 -17.86
CA SER A 190 7.80 7.78 -19.16
C SER A 190 8.08 9.28 -19.01
N GLY A 191 7.70 9.89 -17.90
CA GLY A 191 7.82 11.35 -17.73
C GLY A 191 6.63 12.02 -18.36
N LEU A 192 5.65 11.22 -18.78
CA LEU A 192 4.40 11.76 -19.35
C LEU A 192 3.28 11.55 -18.34
N TYR A 193 2.19 12.28 -18.46
CA TYR A 193 1.09 12.25 -17.47
C TYR A 193 -0.08 11.45 -18.00
N SER A 194 -0.83 10.83 -17.09
CA SER A 194 -2.02 10.03 -17.44
C SER A 194 -3.09 10.30 -16.40
N LEU A 195 -4.32 10.49 -16.85
CA LEU A 195 -5.47 10.69 -15.94
C LEU A 195 -6.68 10.07 -16.63
N SER A 196 -7.66 9.63 -15.84
CA SER A 196 -8.89 9.04 -16.37
C SER A 196 -10.03 9.93 -15.92
N SER A 197 -11.05 10.10 -16.75
CA SER A 197 -12.26 10.83 -16.37
C SER A 197 -13.38 9.80 -16.48
N VAL A 198 -14.23 9.70 -15.48
CA VAL A 198 -15.29 8.67 -15.44
C VAL A 198 -16.60 9.35 -15.08
N VAL A 199 -17.71 8.81 -15.54
CA VAL A 199 -19.06 9.31 -15.19
C VAL A 199 -19.97 8.10 -15.00
N THR A 200 -20.95 8.20 -14.11
CA THR A 200 -21.93 7.12 -13.87
C THR A 200 -23.26 7.57 -14.48
N VAL A 201 -23.84 6.78 -15.36
CA VAL A 201 -25.10 7.11 -16.07
C VAL A 201 -26.10 5.98 -15.83
N PRO A 202 -27.41 6.19 -16.03
CA PRO A 202 -28.37 5.10 -15.93
C PRO A 202 -28.03 4.13 -17.05
N SER A 203 -27.87 2.84 -16.74
CA SER A 203 -27.51 1.80 -17.73
C SER A 203 -28.53 1.84 -18.86
N SER A 204 -29.76 2.26 -18.58
CA SER A 204 -30.86 2.29 -19.57
C SER A 204 -30.63 3.35 -20.64
N SER A 205 -29.74 4.32 -20.41
CA SER A 205 -29.54 5.45 -21.33
C SER A 205 -28.31 5.22 -22.21
N LEU A 206 -27.68 4.07 -22.11
CA LEU A 206 -26.41 3.81 -22.83
C LEU A 206 -26.71 3.66 -24.33
N GLY A 207 -27.86 3.10 -24.69
CA GLY A 207 -28.25 2.96 -26.10
C GLY A 207 -28.95 4.21 -26.58
N THR A 208 -29.74 4.88 -25.74
CA THR A 208 -30.53 6.07 -26.13
C THR A 208 -29.68 7.33 -26.17
N GLN A 209 -28.91 7.63 -25.12
CA GLN A 209 -28.14 8.89 -25.01
C GLN A 209 -26.69 8.74 -25.43
N THR A 210 -26.08 9.81 -25.95
CA THR A 210 -24.67 9.81 -26.37
C THR A 210 -23.84 10.34 -25.20
N TYR A 211 -22.58 9.94 -25.11
CA TYR A 211 -21.66 10.37 -24.03
C TYR A 211 -20.30 10.56 -24.67
N ILE A 212 -19.86 11.80 -24.83
CA ILE A 212 -18.51 12.09 -25.40
C ILE A 212 -17.69 12.91 -24.40
N CYS A 213 -16.41 12.59 -24.27
CA CYS A 213 -15.49 13.28 -23.32
C CYS A 213 -14.72 14.33 -24.11
N ASN A 214 -14.67 15.56 -23.61
CA ASN A 214 -13.99 16.68 -24.31
C ASN A 214 -12.68 16.97 -23.60
N VAL A 215 -11.56 16.48 -24.13
CA VAL A 215 -10.21 16.71 -23.55
C VAL A 215 -9.62 17.98 -24.18
N ASN A 216 -8.98 18.85 -23.40
CA ASN A 216 -8.31 20.08 -23.90
C ASN A 216 -6.93 20.22 -23.26
N HIS A 217 -5.86 20.12 -24.04
CA HIS A 217 -4.45 20.24 -23.58
C HIS A 217 -3.86 21.50 -24.20
N LYS A 218 -4.19 22.67 -23.66
CA LYS A 218 -3.70 23.98 -24.16
C LYS A 218 -2.19 23.93 -24.43
N PRO A 219 -1.34 23.36 -23.55
CA PRO A 219 0.09 23.39 -23.80
C PRO A 219 0.47 22.85 -25.19
N SER A 220 -0.40 22.06 -25.84
CA SER A 220 -0.14 21.47 -27.18
C SER A 220 -1.25 21.86 -28.13
N ASN A 221 -2.18 22.71 -27.70
CA ASN A 221 -3.33 23.14 -28.53
C ASN A 221 -4.08 21.91 -29.01
N THR A 222 -3.98 20.78 -28.29
CA THR A 222 -4.67 19.52 -28.65
C THR A 222 -6.06 19.51 -28.02
N LYS A 223 -7.12 19.57 -28.82
CA LYS A 223 -8.52 19.51 -28.34
C LYS A 223 -9.16 18.26 -28.95
N VAL A 224 -9.74 17.39 -28.14
CA VAL A 224 -10.26 16.07 -28.61
C VAL A 224 -11.65 15.81 -28.07
N ASP A 225 -12.56 15.29 -28.90
CA ASP A 225 -13.91 14.88 -28.48
C ASP A 225 -14.04 13.40 -28.86
N LYS A 226 -14.04 12.50 -27.87
CA LYS A 226 -14.16 11.04 -28.11
C LYS A 226 -15.50 10.58 -27.55
N LYS A 227 -16.28 9.88 -28.36
CA LYS A 227 -17.56 9.29 -27.88
C LYS A 227 -17.22 7.97 -27.21
N VAL A 228 -17.88 7.64 -26.10
CA VAL A 228 -17.66 6.36 -25.40
C VAL A 228 -18.93 5.53 -25.55
N GLU A 229 -18.81 4.33 -26.09
CA GLU A 229 -19.96 3.44 -26.32
C GLU A 229 -19.52 1.99 -26.08
N PRO A 230 -20.43 1.10 -25.64
CA PRO A 230 -20.06 -0.29 -25.37
C PRO A 230 -19.66 -1.02 -26.65
N GLU B 1 17.31 21.28 14.20
CA GLU B 1 16.15 22.19 13.98
C GLU B 1 14.92 21.70 14.76
N ILE B 2 14.09 22.67 15.16
CA ILE B 2 12.81 22.34 15.80
C ILE B 2 11.92 21.60 14.82
N VAL B 3 11.13 20.66 15.36
CA VAL B 3 10.22 19.86 14.55
C VAL B 3 8.82 20.07 15.11
N LEU B 4 7.88 20.47 14.23
CA LEU B 4 6.50 20.69 14.61
C LEU B 4 5.65 19.53 14.15
N THR B 5 5.10 18.77 15.10
CA THR B 5 4.33 17.58 14.79
C THR B 5 2.84 17.94 14.78
N GLN B 6 2.23 17.91 13.60
CA GLN B 6 0.81 18.10 13.49
C GLN B 6 0.17 16.73 13.35
N SER B 7 -0.68 16.38 14.28
CA SER B 7 -1.38 15.13 14.38
C SER B 7 -2.85 15.37 14.68
N PRO B 8 -3.76 14.65 14.00
CA PRO B 8 -3.49 13.69 12.92
C PRO B 8 -3.22 14.43 11.62
N GLY B 9 -2.63 13.72 10.65
CA GLY B 9 -2.48 14.27 9.34
C GLY B 9 -3.83 14.54 8.69
N THR B 10 -4.82 13.73 8.99
CA THR B 10 -6.17 13.91 8.48
C THR B 10 -7.12 13.92 9.70
N LEU B 11 -7.82 15.03 9.83
CA LEU B 11 -8.82 15.22 10.89
C LEU B 11 -10.19 15.20 10.23
N SER B 12 -11.00 14.23 10.61
CA SER B 12 -12.31 14.00 9.99
C SER B 12 -13.36 14.56 10.93
N LEU B 13 -14.03 15.62 10.47
CA LEU B 13 -15.11 16.27 11.23
C LEU B 13 -16.22 16.59 10.25
N SER B 14 -17.39 16.68 10.76
CA SER B 14 -18.53 17.07 9.98
C SER B 14 -18.57 18.58 9.95
N PRO B 15 -19.07 19.13 8.83
CA PRO B 15 -19.39 20.55 8.79
C PRO B 15 -20.26 20.87 9.98
N GLY B 16 -20.04 22.04 10.54
CA GLY B 16 -20.78 22.44 11.68
C GLY B 16 -20.13 22.06 12.98
N GLU B 17 -19.19 21.12 12.96
CA GLU B 17 -18.58 20.75 14.21
C GLU B 17 -17.51 21.73 14.62
N ARG B 18 -17.16 21.70 15.90
CA ARG B 18 -16.06 22.43 16.46
C ARG B 18 -14.79 21.61 16.16
N GLY B 19 -13.79 22.29 15.62
CA GLY B 19 -12.51 21.63 15.27
C GLY B 19 -11.33 22.26 15.99
N THR B 20 -10.48 21.38 16.48
CA THR B 20 -9.23 21.80 17.11
C THR B 20 -8.06 21.08 16.44
N LEU B 21 -7.11 21.84 15.89
CA LEU B 21 -5.89 21.29 15.31
C LEU B 21 -4.71 21.49 16.26
N SER B 22 -3.88 20.46 16.41
CA SER B 22 -2.73 20.51 17.30
C SER B 22 -1.43 20.57 16.52
N CYS B 23 -0.56 21.40 17.01
CA CYS B 23 0.81 21.56 16.57
C CYS B 23 1.64 21.33 17.82
N ARG B 24 2.30 20.18 17.90
CA ARG B 24 3.12 19.84 19.06
C ARG B 24 4.59 20.00 18.68
N ALA B 25 5.30 20.81 19.44
CA ALA B 25 6.67 21.15 19.12
C ALA B 25 7.62 20.29 19.94
N SER B 26 8.82 20.09 19.38
CA SER B 26 9.88 19.38 20.11
C SER B 26 10.52 20.24 21.22
N GLN B 27 10.08 21.49 21.39
CA GLN B 27 10.46 22.33 22.54
C GLN B 27 9.28 23.26 22.82
N SER B 28 9.49 24.21 23.74
CA SER B 28 8.41 25.08 24.16
C SER B 28 7.94 25.97 23.02
N VAL B 29 6.64 25.99 22.79
CA VAL B 29 6.09 26.59 21.59
C VAL B 29 6.27 28.10 21.63
N ARG B 30 6.05 28.71 22.78
CA ARG B 30 6.19 30.16 22.88
C ARG B 30 7.64 30.62 22.75
N GLY B 31 8.62 29.70 22.72
CA GLY B 31 9.98 30.13 22.42
C GLY B 31 10.24 30.48 20.96
N GLY B 32 9.22 30.36 20.10
CA GLY B 32 9.31 30.83 18.75
C GLY B 32 8.15 31.75 18.39
N TYR B 33 8.27 32.30 17.19
CA TYR B 33 7.25 33.13 16.59
C TYR B 33 6.28 32.23 15.81
N LEU B 34 5.04 32.21 16.24
CA LEU B 34 4.04 31.24 15.79
C LEU B 34 3.06 31.86 14.81
N ALA B 35 2.50 31.00 13.97
CA ALA B 35 1.39 31.44 13.14
C ALA B 35 0.71 30.19 12.62
N TRP B 36 -0.57 30.33 12.29
CA TRP B 36 -1.35 29.34 11.59
C TRP B 36 -1.69 29.81 10.19
N TYR B 37 -1.58 28.93 9.22
CA TYR B 37 -1.89 29.20 7.84
C TYR B 37 -2.88 28.16 7.36
N GLN B 38 -3.73 28.54 6.44
CA GLN B 38 -4.69 27.67 5.77
C GLN B 38 -4.34 27.61 4.30
N GLN B 39 -4.42 26.43 3.72
CA GLN B 39 -4.23 26.36 2.29
C GLN B 39 -5.33 25.52 1.65
N LYS B 40 -5.95 26.07 0.63
CA LYS B 40 -6.98 25.44 -0.16
C LYS B 40 -6.37 24.98 -1.46
N PRO B 41 -6.95 23.99 -2.11
CA PRO B 41 -6.36 23.48 -3.37
C PRO B 41 -6.09 24.59 -4.35
N GLY B 42 -4.89 24.56 -4.95
CA GLY B 42 -4.49 25.50 -5.97
C GLY B 42 -4.25 26.92 -5.53
N GLN B 43 -4.22 27.22 -4.25
CA GLN B 43 -4.09 28.57 -3.77
C GLN B 43 -2.81 28.71 -2.95
N ALA B 44 -2.37 29.92 -2.77
CA ALA B 44 -1.34 30.19 -1.78
C ALA B 44 -1.84 29.96 -0.36
N PRO B 45 -0.93 29.70 0.56
CA PRO B 45 -1.34 29.70 1.98
C PRO B 45 -1.93 31.04 2.35
N ARG B 46 -2.77 31.06 3.37
CA ARG B 46 -3.49 32.23 3.84
C ARG B 46 -3.29 32.33 5.33
N LEU B 47 -2.82 33.44 5.82
CA LEU B 47 -2.56 33.63 7.23
C LEU B 47 -3.88 33.66 8.01
N LEU B 48 -3.97 32.89 9.10
CA LEU B 48 -5.14 32.93 9.99
C LEU B 48 -4.85 33.60 11.32
N ILE B 49 -3.84 33.11 12.05
CA ILE B 49 -3.48 33.49 13.40
C ILE B 49 -1.99 33.81 13.39
N TYR B 50 -1.56 34.84 14.12
CA TYR B 50 -0.12 35.01 14.35
C TYR B 50 0.10 35.17 15.85
N GLY B 51 1.28 34.81 16.28
CA GLY B 51 1.56 34.62 17.65
C GLY B 51 0.69 33.49 18.16
N ALA B 52 0.42 33.53 19.47
CA ALA B 52 -0.39 32.49 20.10
C ALA B 52 -1.85 32.62 19.73
N SER B 53 -2.37 33.84 19.61
CA SER B 53 -3.82 33.98 19.50
C SER B 53 -4.27 35.24 18.76
N SER B 54 -3.37 35.94 18.06
CA SER B 54 -3.79 37.19 17.40
C SER B 54 -4.39 36.85 16.05
N ARG B 55 -5.63 37.25 15.81
CA ARG B 55 -6.32 36.93 14.56
C ARG B 55 -5.92 37.93 13.47
N ALA B 56 -5.53 37.44 12.30
CA ALA B 56 -5.08 38.31 11.23
C ALA B 56 -6.25 39.09 10.68
N THR B 57 -5.97 40.24 10.07
CA THR B 57 -7.04 41.08 9.52
C THR B 57 -7.82 40.35 8.41
N GLY B 58 -9.14 40.44 8.47
CA GLY B 58 -10.02 39.84 7.50
C GLY B 58 -10.35 38.38 7.76
N ILE B 59 -9.86 37.78 8.83
CA ILE B 59 -10.06 36.35 9.10
C ILE B 59 -11.35 36.18 9.90
N PRO B 60 -12.21 35.22 9.56
CA PRO B 60 -13.48 35.09 10.31
C PRO B 60 -13.25 34.90 11.80
N ASP B 61 -14.23 35.36 12.60
CA ASP B 61 -14.14 35.27 14.07
C ASP B 61 -14.19 33.81 14.58
N ARG B 62 -14.69 32.84 13.81
CA ARG B 62 -14.65 31.44 14.24
C ARG B 62 -13.20 30.90 14.46
N PHE B 63 -12.15 31.56 13.92
CA PHE B 63 -10.77 31.08 14.08
C PHE B 63 -10.12 31.68 15.32
N SER B 64 -9.52 30.84 16.18
CA SER B 64 -8.79 31.31 17.36
C SER B 64 -7.59 30.41 17.61
N GLY B 65 -6.60 30.93 18.31
CA GLY B 65 -5.40 30.19 18.62
C GLY B 65 -5.11 30.21 20.11
N SER B 66 -4.39 29.19 20.56
CA SER B 66 -3.91 29.13 21.93
C SER B 66 -2.60 28.37 21.95
N ALA B 67 -1.73 28.70 22.90
CA ALA B 67 -0.42 28.07 23.00
C ALA B 67 -0.06 28.00 24.46
N SER B 68 0.35 26.81 24.91
CA SER B 68 0.87 26.62 26.25
C SER B 68 1.80 25.40 26.19
N GLY B 69 2.92 25.51 26.89
CA GLY B 69 3.92 24.45 26.88
C GLY B 69 4.37 24.16 25.45
N THR B 70 4.20 22.91 25.02
CA THR B 70 4.63 22.46 23.70
C THR B 70 3.49 22.39 22.69
N ASP B 71 2.28 22.80 23.07
CA ASP B 71 1.09 22.66 22.25
C ASP B 71 0.66 24.04 21.73
N TYR B 72 0.53 24.15 20.41
CA TYR B 72 -0.05 25.28 19.72
C TYR B 72 -1.32 24.78 19.04
N THR B 73 -2.43 25.48 19.25
CA THR B 73 -3.75 24.98 18.88
C THR B 73 -4.50 26.01 18.08
N LEU B 74 -5.11 25.57 16.96
CA LEU B 74 -6.05 26.34 16.18
C LEU B 74 -7.43 25.75 16.43
N THR B 75 -8.37 26.60 16.82
CA THR B 75 -9.77 26.21 17.07
C THR B 75 -10.64 26.88 16.05
N ILE B 76 -11.55 26.10 15.47
CA ILE B 76 -12.54 26.56 14.53
C ILE B 76 -13.87 26.25 15.18
N SER B 77 -14.52 27.29 15.72
CA SER B 77 -15.66 27.05 16.59
C SER B 77 -16.80 26.33 15.87
N ARG B 78 -16.99 26.56 14.57
CA ARG B 78 -18.00 25.89 13.74
C ARG B 78 -17.43 25.78 12.31
N LEU B 79 -17.13 24.56 11.88
CA LEU B 79 -16.55 24.34 10.56
C LEU B 79 -17.55 24.72 9.47
N GLU B 80 -17.16 25.64 8.62
CA GLU B 80 -17.91 25.99 7.44
C GLU B 80 -17.36 25.21 6.25
N PRO B 81 -18.12 25.06 5.16
CA PRO B 81 -17.63 24.24 4.04
C PRO B 81 -16.28 24.70 3.53
N GLU B 82 -16.02 26.02 3.51
CA GLU B 82 -14.71 26.49 3.02
C GLU B 82 -13.59 26.24 4.00
N ASP B 83 -13.89 25.77 5.21
CA ASP B 83 -12.81 25.52 6.19
C ASP B 83 -12.17 24.14 6.01
N PHE B 84 -12.72 23.27 5.18
CA PHE B 84 -12.10 21.96 4.95
C PHE B 84 -10.92 22.20 4.00
N ALA B 85 -9.72 22.11 4.53
CA ALA B 85 -8.54 22.60 3.85
C ALA B 85 -7.36 22.02 4.62
N VAL B 86 -6.17 22.39 4.20
CA VAL B 86 -4.98 21.96 4.92
C VAL B 86 -4.49 23.13 5.77
N TYR B 87 -4.09 22.82 6.97
CA TYR B 87 -3.62 23.86 7.93
C TYR B 87 -2.18 23.55 8.31
N TYR B 88 -1.38 24.62 8.28
CA TYR B 88 0.03 24.56 8.58
C TYR B 88 0.32 25.46 9.77
N CYS B 89 1.01 24.93 10.75
CA CYS B 89 1.57 25.75 11.81
C CYS B 89 2.97 26.17 11.40
N GLN B 90 3.42 27.28 12.03
CA GLN B 90 4.70 27.90 11.78
C GLN B 90 5.41 28.13 13.11
N PHE B 91 6.72 27.91 13.11
CA PHE B 91 7.60 28.27 14.21
C PHE B 91 8.83 28.91 13.57
N TYR B 92 8.96 30.23 13.64
CA TYR B 92 10.18 30.91 13.26
C TYR B 92 10.97 31.06 14.55
N GLY B 93 12.10 30.36 14.65
CA GLY B 93 12.94 30.40 15.83
C GLY B 93 14.16 29.51 15.68
N GLY B 94 14.77 29.16 16.80
CA GLY B 94 15.97 28.36 16.77
C GLY B 94 17.24 29.19 16.65
N SER B 95 18.38 28.55 17.02
CA SER B 95 19.62 29.30 17.10
C SER B 95 20.11 29.72 15.73
N PRO B 96 20.43 28.82 14.80
CA PRO B 96 20.37 29.22 13.38
C PRO B 96 18.87 29.53 13.19
N ARG B 97 18.42 30.79 13.21
CA ARG B 97 17.01 31.07 12.98
C ARG B 97 16.53 30.28 11.76
N ALA B 98 15.34 29.70 11.86
CA ALA B 98 14.75 28.94 10.76
C ALA B 98 13.24 29.06 10.87
N LEU B 99 12.58 29.18 9.70
CA LEU B 99 11.12 29.11 9.61
C LEU B 99 10.78 27.64 9.41
N THR B 100 10.14 27.06 10.41
CA THR B 100 9.76 25.65 10.37
C THR B 100 8.24 25.60 10.25
N PHE B 101 7.77 24.80 9.32
CA PHE B 101 6.35 24.55 9.16
C PHE B 101 6.05 23.15 9.68
N GLY B 102 4.86 22.98 10.21
CA GLY B 102 4.40 21.62 10.42
C GLY B 102 4.17 20.94 9.10
N GLY B 103 3.96 19.63 9.23
CA GLY B 103 3.69 18.78 8.07
C GLY B 103 2.33 18.97 7.49
N GLY B 104 1.46 19.69 8.21
CA GLY B 104 0.16 19.97 7.66
C GLY B 104 -0.90 19.01 8.14
N THR B 105 -2.11 19.53 8.41
CA THR B 105 -3.25 18.70 8.78
C THR B 105 -4.35 19.03 7.83
N LYS B 106 -4.84 18.03 7.11
CA LYS B 106 -6.03 18.15 6.28
C LYS B 106 -7.27 17.92 7.13
N VAL B 107 -8.19 18.86 7.14
CA VAL B 107 -9.48 18.71 7.81
C VAL B 107 -10.40 18.21 6.70
N GLU B 108 -10.89 16.99 6.81
CA GLU B 108 -11.69 16.39 5.76
C GLU B 108 -13.11 16.25 6.30
N ILE B 109 -14.09 16.24 5.40
CA ILE B 109 -15.50 16.08 5.77
C ILE B 109 -15.76 14.64 6.19
N LYS B 110 -16.21 14.49 7.44
CA LYS B 110 -16.66 13.19 7.91
C LYS B 110 -18.09 13.00 7.49
N ARG B 111 -18.37 11.90 6.81
CA ARG B 111 -19.76 11.57 6.45
C ARG B 111 -19.95 10.11 6.83
N THR B 112 -21.14 9.58 6.61
CA THR B 112 -21.38 8.17 6.95
C THR B 112 -20.57 7.28 6.00
N VAL B 113 -20.21 6.10 6.51
CA VAL B 113 -19.46 5.15 5.71
C VAL B 113 -20.26 4.90 4.43
N ALA B 114 -19.57 4.82 3.32
CA ALA B 114 -20.18 4.54 2.04
C ALA B 114 -19.28 3.53 1.36
N ALA B 115 -19.84 2.39 0.99
CA ALA B 115 -19.09 1.39 0.27
C ALA B 115 -18.95 1.84 -1.17
N PRO B 116 -17.85 1.48 -1.83
CA PRO B 116 -17.66 1.88 -3.23
C PRO B 116 -18.45 1.00 -4.17
N SER B 117 -18.88 1.60 -5.27
CA SER B 117 -19.26 0.85 -6.47
C SER B 117 -18.01 0.56 -7.26
N VAL B 118 -17.82 -0.68 -7.65
CA VAL B 118 -16.58 -1.09 -8.30
C VAL B 118 -16.89 -1.41 -9.74
N PHE B 119 -16.03 -0.92 -10.64
CA PHE B 119 -16.12 -1.19 -12.06
C PHE B 119 -14.71 -1.48 -12.53
N ILE B 120 -14.62 -2.30 -13.55
CA ILE B 120 -13.35 -2.65 -14.17
C ILE B 120 -13.52 -2.41 -15.66
N PHE B 121 -12.51 -1.83 -16.28
CA PHE B 121 -12.52 -1.48 -17.69
C PHE B 121 -11.32 -2.17 -18.33
N PRO B 122 -11.53 -3.01 -19.34
CA PRO B 122 -10.41 -3.53 -20.12
C PRO B 122 -9.75 -2.44 -20.94
N PRO B 123 -8.52 -2.66 -21.40
CA PRO B 123 -7.94 -1.76 -22.39
C PRO B 123 -8.77 -1.71 -23.65
N SER B 124 -8.96 -0.50 -24.19
CA SER B 124 -9.69 -0.32 -25.43
C SER B 124 -8.88 -0.83 -26.62
N ASP B 125 -9.58 -1.13 -27.73
CA ASP B 125 -8.88 -1.62 -28.91
C ASP B 125 -7.96 -0.54 -29.48
N GLU B 126 -8.36 0.74 -29.39
CA GLU B 126 -7.53 1.84 -29.88
C GLU B 126 -6.14 1.80 -29.27
N GLN B 127 -6.06 1.58 -27.96
CA GLN B 127 -4.78 1.56 -27.25
C GLN B 127 -4.02 0.27 -27.51
N LEU B 128 -4.73 -0.84 -27.66
CA LEU B 128 -4.09 -2.11 -27.97
C LEU B 128 -3.36 -2.03 -29.31
N LYS B 129 -3.87 -1.20 -30.23
CA LYS B 129 -3.21 -0.98 -31.51
C LYS B 129 -1.91 -0.20 -31.36
N SER B 130 -1.73 0.50 -30.24
CA SER B 130 -0.55 1.30 -29.98
C SER B 130 0.56 0.52 -29.29
N GLY B 131 0.29 -0.69 -28.79
CA GLY B 131 1.28 -1.53 -28.18
C GLY B 131 1.27 -1.59 -26.66
N THR B 132 0.40 -0.84 -26.02
CA THR B 132 0.27 -0.86 -24.56
C THR B 132 -1.17 -1.09 -24.15
N ALA B 133 -1.35 -1.66 -22.96
CA ALA B 133 -2.68 -2.03 -22.47
C ALA B 133 -2.86 -1.51 -21.06
N SER B 134 -3.83 -0.61 -20.88
CA SER B 134 -4.18 -0.09 -19.57
C SER B 134 -5.50 -0.70 -19.11
N VAL B 135 -5.47 -1.31 -17.93
CA VAL B 135 -6.67 -1.84 -17.29
C VAL B 135 -7.01 -0.93 -16.12
N VAL B 136 -8.27 -0.57 -16.02
CA VAL B 136 -8.69 0.44 -15.05
C VAL B 136 -9.73 -0.18 -14.13
N CYS B 137 -9.49 -0.01 -12.83
CA CYS B 137 -10.43 -0.36 -11.78
C CYS B 137 -10.89 0.93 -11.11
N LEU B 138 -12.20 1.09 -11.01
CA LEU B 138 -12.80 2.29 -10.49
C LEU B 138 -13.51 1.94 -9.18
N LEU B 139 -13.24 2.70 -8.15
CA LEU B 139 -13.99 2.63 -6.91
C LEU B 139 -14.69 3.96 -6.87
N ASN B 140 -16.00 3.95 -6.92
CA ASN B 140 -16.81 5.14 -7.07
C ASN B 140 -17.53 5.46 -5.79
N ASN B 141 -17.32 6.67 -5.29
CA ASN B 141 -18.11 7.30 -4.24
C ASN B 141 -18.11 6.53 -2.92
N PHE B 142 -16.96 6.50 -2.25
CA PHE B 142 -16.86 5.79 -1.01
C PHE B 142 -16.34 6.69 0.11
N TYR B 143 -16.52 6.27 1.34
CA TYR B 143 -16.01 7.00 2.47
C TYR B 143 -15.88 5.90 3.53
N PRO B 144 -14.79 5.81 4.30
CA PRO B 144 -13.62 6.73 4.30
C PRO B 144 -12.68 6.39 3.14
N ARG B 145 -11.56 7.13 3.13
CA ARG B 145 -10.62 7.12 2.03
C ARG B 145 -9.83 5.81 1.95
N GLU B 146 -9.56 5.15 3.07
CA GLU B 146 -8.79 3.93 3.03
C GLU B 146 -9.55 2.82 2.32
N ALA B 147 -8.91 2.23 1.32
CA ALA B 147 -9.44 1.08 0.62
C ALA B 147 -8.26 0.27 0.16
N LYS B 148 -8.44 -1.04 0.12
CA LYS B 148 -7.42 -1.95 -0.37
C LYS B 148 -7.86 -2.41 -1.75
N VAL B 149 -7.05 -2.13 -2.77
CA VAL B 149 -7.31 -2.53 -4.14
C VAL B 149 -6.20 -3.48 -4.55
N GLN B 150 -6.56 -4.72 -4.86
CA GLN B 150 -5.59 -5.73 -5.24
C GLN B 150 -5.90 -6.18 -6.67
N TRP B 151 -4.89 -6.15 -7.53
CA TRP B 151 -5.00 -6.67 -8.88
C TRP B 151 -4.56 -8.11 -8.96
N LYS B 152 -5.27 -8.90 -9.76
CA LYS B 152 -4.85 -10.27 -10.02
C LYS B 152 -4.96 -10.52 -11.51
N VAL B 153 -3.94 -11.14 -12.07
CA VAL B 153 -3.92 -11.53 -13.47
C VAL B 153 -3.78 -13.05 -13.45
N ASP B 154 -4.83 -13.74 -13.84
CA ASP B 154 -4.87 -15.19 -13.74
C ASP B 154 -4.52 -15.65 -12.33
N ASN B 155 -5.04 -14.91 -11.35
CA ASN B 155 -4.87 -15.17 -9.92
C ASN B 155 -3.49 -14.78 -9.40
N ALA B 156 -2.57 -14.34 -10.27
CA ALA B 156 -1.26 -13.85 -9.83
C ALA B 156 -1.39 -12.42 -9.32
N LEU B 157 -1.08 -12.21 -8.03
CA LEU B 157 -1.14 -10.87 -7.45
C LEU B 157 -0.12 -9.95 -8.11
N GLN B 158 -0.56 -8.75 -8.49
CA GLN B 158 0.28 -7.80 -9.20
C GLN B 158 0.87 -6.80 -8.22
N SER B 159 2.13 -6.46 -8.43
CA SER B 159 2.77 -5.42 -7.65
C SER B 159 3.79 -4.68 -8.50
N GLY B 160 3.80 -3.36 -8.34
CA GLY B 160 4.77 -2.52 -9.02
C GLY B 160 4.33 -2.04 -10.39
N ASN B 161 3.13 -2.42 -10.85
CA ASN B 161 2.69 -2.05 -12.19
C ASN B 161 1.32 -1.41 -12.17
N SER B 162 0.89 -0.87 -11.03
CA SER B 162 -0.38 -0.16 -10.93
C SER B 162 -0.16 1.19 -10.24
N GLN B 163 -0.99 2.14 -10.57
CA GLN B 163 -0.98 3.45 -9.95
C GLN B 163 -2.41 3.76 -9.54
N GLU B 164 -2.55 4.33 -8.33
CA GLU B 164 -3.82 4.74 -7.78
C GLU B 164 -3.91 6.25 -7.82
N SER B 165 -5.09 6.75 -8.08
CA SER B 165 -5.37 8.18 -8.05
C SER B 165 -6.71 8.33 -7.35
N VAL B 166 -6.80 9.28 -6.43
CA VAL B 166 -8.03 9.54 -5.68
C VAL B 166 -8.46 10.97 -5.94
N THR B 167 -9.74 11.18 -6.11
CA THR B 167 -10.23 12.54 -6.23
C THR B 167 -10.22 13.19 -4.85
N GLU B 168 -10.42 14.49 -4.83
CA GLU B 168 -10.77 15.21 -3.64
C GLU B 168 -12.20 14.83 -3.28
N GLN B 169 -12.59 15.16 -2.07
CA GLN B 169 -13.94 14.87 -1.63
C GLN B 169 -14.96 15.56 -2.51
N ASP B 170 -15.94 14.78 -2.95
CA ASP B 170 -16.93 15.35 -3.86
C ASP B 170 -17.66 16.51 -3.17
N SER B 171 -17.93 17.59 -3.93
CA SER B 171 -18.58 18.75 -3.33
C SER B 171 -20.00 18.44 -2.86
N LYS B 172 -20.70 17.53 -3.55
CA LYS B 172 -22.08 17.26 -3.18
C LYS B 172 -22.20 16.28 -2.03
N ASP B 173 -21.56 15.11 -2.15
CA ASP B 173 -21.73 14.06 -1.15
C ASP B 173 -20.48 13.76 -0.32
N SER B 174 -19.39 14.47 -0.53
CA SER B 174 -18.20 14.32 0.27
C SER B 174 -17.55 12.96 0.20
N THR B 175 -17.82 12.18 -0.85
CA THR B 175 -17.19 10.88 -0.99
C THR B 175 -15.89 10.98 -1.79
N TYR B 176 -15.13 9.92 -1.75
CA TYR B 176 -13.98 9.80 -2.60
C TYR B 176 -14.32 8.87 -3.76
N SER B 177 -13.53 8.99 -4.83
CA SER B 177 -13.47 8.00 -5.90
C SER B 177 -12.00 7.73 -6.15
N LEU B 178 -11.72 6.51 -6.56
CA LEU B 178 -10.34 6.06 -6.74
C LEU B 178 -10.29 5.28 -8.04
N SER B 179 -9.22 5.54 -8.81
CA SER B 179 -8.90 4.74 -9.99
C SER B 179 -7.61 3.99 -9.68
N SER B 180 -7.58 2.73 -10.01
CA SER B 180 -6.34 1.97 -10.01
C SER B 180 -6.13 1.54 -11.45
N THR B 181 -5.01 1.92 -12.02
CA THR B 181 -4.71 1.66 -13.42
C THR B 181 -3.55 0.68 -13.49
N LEU B 182 -3.81 -0.49 -14.02
CA LEU B 182 -2.77 -1.50 -14.25
C LEU B 182 -2.26 -1.36 -15.67
N THR B 183 -0.96 -1.11 -15.80
CA THR B 183 -0.33 -0.90 -17.09
C THR B 183 0.47 -2.13 -17.47
N LEU B 184 0.18 -2.69 -18.66
CA LEU B 184 0.88 -3.83 -19.21
C LEU B 184 1.19 -3.58 -20.69
N SER B 185 2.21 -4.25 -21.18
CA SER B 185 2.43 -4.25 -22.62
C SER B 185 1.35 -5.09 -23.31
N LYS B 186 1.02 -4.71 -24.55
CA LYS B 186 0.07 -5.49 -25.33
C LYS B 186 0.44 -6.96 -25.32
N ALA B 187 1.74 -7.27 -25.49
CA ALA B 187 2.20 -8.65 -25.41
C ALA B 187 1.80 -9.31 -24.09
N ASP B 188 2.19 -8.70 -22.96
CA ASP B 188 1.83 -9.25 -21.66
C ASP B 188 0.33 -9.44 -21.53
N TYR B 189 -0.46 -8.43 -21.94
CA TYR B 189 -1.90 -8.52 -21.84
C TYR B 189 -2.45 -9.76 -22.53
N GLU B 190 -1.85 -10.16 -23.66
CA GLU B 190 -2.38 -11.29 -24.41
C GLU B 190 -2.02 -12.63 -23.80
N LYS B 191 -0.99 -12.71 -22.96
CA LYS B 191 -0.63 -14.00 -22.38
C LYS B 191 -1.65 -14.49 -21.37
N HIS B 192 -2.48 -13.61 -20.82
CA HIS B 192 -3.41 -13.98 -19.75
C HIS B 192 -4.85 -13.68 -20.17
N LYS B 193 -5.78 -14.30 -19.46
CA LYS B 193 -7.20 -14.24 -19.82
C LYS B 193 -8.04 -13.46 -18.83
N VAL B 194 -7.87 -13.69 -17.53
CA VAL B 194 -8.76 -13.14 -16.52
C VAL B 194 -8.06 -12.00 -15.77
N TYR B 195 -8.64 -10.81 -15.86
CA TYR B 195 -8.15 -9.65 -15.16
C TYR B 195 -9.16 -9.25 -14.11
N ALA B 196 -8.69 -9.02 -12.88
CA ALA B 196 -9.57 -8.79 -11.74
C ALA B 196 -8.96 -7.85 -10.72
N CYS B 197 -9.79 -6.98 -10.17
CA CYS B 197 -9.38 -6.16 -9.03
C CYS B 197 -10.32 -6.55 -7.88
N GLU B 198 -9.75 -6.74 -6.70
CA GLU B 198 -10.53 -7.01 -5.51
C GLU B 198 -10.45 -5.82 -4.57
N VAL B 199 -11.59 -5.35 -4.10
CA VAL B 199 -11.71 -4.15 -3.29
C VAL B 199 -12.11 -4.56 -1.89
N THR B 200 -11.34 -4.08 -0.92
CA THR B 200 -11.68 -4.22 0.48
C THR B 200 -11.94 -2.83 1.04
N HIS B 201 -13.04 -2.70 1.78
CA HIS B 201 -13.42 -1.40 2.30
C HIS B 201 -14.37 -1.57 3.46
N GLN B 202 -14.24 -0.69 4.43
CA GLN B 202 -15.07 -0.72 5.65
C GLN B 202 -16.58 -0.83 5.35
N GLY B 203 -17.04 -0.24 4.24
CA GLY B 203 -18.43 -0.25 3.92
C GLY B 203 -18.94 -1.51 3.26
N LEU B 204 -18.06 -2.38 2.83
CA LEU B 204 -18.44 -3.65 2.21
C LEU B 204 -18.52 -4.76 3.25
N SER B 205 -19.61 -5.57 3.18
CA SER B 205 -19.74 -6.70 4.10
C SER B 205 -18.71 -7.79 3.83
N SER B 206 -18.25 -7.92 2.60
CA SER B 206 -17.06 -8.70 2.28
C SER B 206 -16.41 -8.06 1.06
N PRO B 207 -15.14 -8.38 0.78
CA PRO B 207 -14.47 -7.74 -0.35
C PRO B 207 -15.21 -8.01 -1.66
N VAL B 208 -15.10 -7.07 -2.59
CA VAL B 208 -15.75 -7.15 -3.90
C VAL B 208 -14.68 -7.39 -4.94
N THR B 209 -14.97 -8.30 -5.86
CA THR B 209 -14.06 -8.63 -6.96
C THR B 209 -14.84 -8.37 -8.25
N LYS B 210 -14.33 -7.50 -9.10
CA LYS B 210 -14.80 -7.30 -10.46
C LYS B 210 -13.72 -7.81 -11.40
N SER B 211 -14.13 -8.53 -12.43
CA SER B 211 -13.17 -9.08 -13.37
C SER B 211 -13.82 -9.15 -14.75
N PHE B 212 -12.97 -9.37 -15.75
CA PHE B 212 -13.41 -9.67 -17.11
C PHE B 212 -12.43 -10.69 -17.70
N ASN B 213 -12.95 -11.48 -18.64
CA ASN B 213 -12.12 -12.32 -19.49
C ASN B 213 -11.75 -11.50 -20.71
N ARG B 214 -10.46 -11.42 -21.01
CA ARG B 214 -10.03 -10.81 -22.27
C ARG B 214 -10.69 -11.55 -23.43
N GLY B 215 -11.44 -10.82 -24.26
CA GLY B 215 -12.16 -11.42 -25.37
C GLY B 215 -13.49 -12.04 -25.04
N GLU B 216 -13.76 -12.31 -23.77
CA GLU B 216 -15.00 -12.96 -23.35
C GLU B 216 -15.14 -14.31 -24.01
N GLN C 1 -2.40 -47.99 6.34
CA GLN C 1 -2.25 -46.50 6.44
C GLN C 1 -1.83 -46.03 5.05
N VAL C 2 -2.79 -45.68 4.19
CA VAL C 2 -2.45 -45.13 2.88
C VAL C 2 -1.77 -43.77 3.08
N GLN C 3 -0.56 -43.63 2.56
CA GLN C 3 0.26 -42.47 2.87
C GLN C 3 1.27 -42.22 1.77
N LEU C 4 1.62 -40.94 1.61
CA LEU C 4 2.72 -40.51 0.76
C LEU C 4 3.70 -39.77 1.66
N VAL C 5 4.96 -40.22 1.66
CA VAL C 5 6.02 -39.64 2.50
C VAL C 5 7.01 -38.92 1.61
N GLN C 6 7.19 -37.62 1.86
CA GLN C 6 8.08 -36.78 1.08
C GLN C 6 9.38 -36.51 1.85
N SER C 7 10.47 -36.25 1.12
CA SER C 7 11.79 -36.06 1.68
C SER C 7 11.94 -34.69 2.33
N GLY C 8 13.05 -34.50 3.05
CA GLY C 8 13.18 -33.32 3.87
C GLY C 8 13.42 -32.06 3.07
N SER C 9 13.33 -30.93 3.78
CA SER C 9 13.48 -29.64 3.13
C SER C 9 14.90 -29.46 2.58
N GLU C 10 15.02 -28.63 1.57
CA GLU C 10 16.25 -28.48 0.80
C GLU C 10 16.60 -27.01 0.69
N LEU C 11 17.88 -26.73 0.93
CA LEU C 11 18.45 -25.39 0.83
C LEU C 11 19.45 -25.42 -0.32
N LYS C 12 19.23 -24.59 -1.33
CA LYS C 12 20.06 -24.62 -2.53
C LYS C 12 20.36 -23.20 -3.01
N LYS C 13 21.47 -23.07 -3.68
CA LYS C 13 21.84 -21.82 -4.32
C LYS C 13 21.29 -21.81 -5.74
N PRO C 14 21.12 -20.62 -6.32
CA PRO C 14 20.69 -20.56 -7.72
C PRO C 14 21.66 -21.31 -8.60
N GLY C 15 21.11 -22.09 -9.52
CA GLY C 15 21.91 -22.89 -10.44
C GLY C 15 22.09 -24.33 -10.00
N ALA C 16 21.81 -24.64 -8.74
CA ALA C 16 21.92 -26.00 -8.26
C ALA C 16 20.71 -26.82 -8.70
N SER C 17 20.75 -28.11 -8.36
CA SER C 17 19.67 -29.04 -8.63
C SER C 17 19.18 -29.63 -7.33
N VAL C 18 17.94 -30.11 -7.38
CA VAL C 18 17.34 -30.77 -6.25
C VAL C 18 16.62 -31.99 -6.79
N ASN C 19 16.55 -33.01 -5.94
CA ASN C 19 15.94 -34.29 -6.31
C ASN C 19 15.11 -34.72 -5.12
N ILE C 20 13.82 -34.41 -5.14
CA ILE C 20 12.93 -34.68 -3.98
C ILE C 20 12.14 -35.96 -4.29
N SER C 21 11.87 -36.78 -3.30
CA SER C 21 11.20 -38.08 -3.46
C SER C 21 9.82 -38.03 -2.84
N CYS C 22 8.98 -38.99 -3.16
CA CYS C 22 7.64 -39.12 -2.59
C CYS C 22 7.33 -40.61 -2.66
N LYS C 23 7.37 -41.31 -1.54
CA LYS C 23 7.18 -42.78 -1.55
C LYS C 23 5.81 -43.15 -0.99
N ALA C 24 5.13 -44.10 -1.59
CA ALA C 24 3.80 -44.54 -1.12
C ALA C 24 3.94 -45.64 -0.08
N SER C 25 2.96 -45.79 0.81
CA SER C 25 2.91 -46.88 1.82
C SER C 25 1.43 -47.21 2.02
N GLY C 26 1.05 -48.48 2.04
CA GLY C 26 -0.34 -48.85 2.33
C GLY C 26 -1.18 -49.00 1.10
N TYR C 27 -0.59 -48.91 -0.09
CA TYR C 27 -1.34 -49.14 -1.34
C TYR C 27 -0.41 -49.49 -2.51
N ASN C 28 -0.99 -50.02 -3.59
CA ASN C 28 -0.21 -50.37 -4.80
C ASN C 28 0.16 -49.06 -5.50
N PHE C 29 1.42 -48.71 -5.51
CA PHE C 29 1.94 -47.46 -6.09
C PHE C 29 1.57 -47.29 -7.55
N THR C 30 1.49 -48.37 -8.31
CA THR C 30 1.24 -48.33 -9.77
C THR C 30 -0.24 -48.30 -10.09
N SER C 31 -1.11 -48.27 -9.07
CA SER C 31 -2.57 -48.28 -9.26
C SER C 31 -3.13 -46.87 -9.41
N HIS C 32 -2.33 -45.83 -9.13
CA HIS C 32 -2.79 -44.43 -9.21
C HIS C 32 -1.68 -43.51 -9.70
N ALA C 33 -2.03 -42.52 -10.52
CA ALA C 33 -1.08 -41.49 -10.97
C ALA C 33 -0.69 -40.62 -9.77
N LEU C 34 0.38 -39.85 -9.90
CA LEU C 34 0.77 -38.88 -8.86
C LEU C 34 0.88 -37.50 -9.49
N ASN C 35 0.26 -36.50 -8.89
CA ASN C 35 0.40 -35.10 -9.32
C ASN C 35 1.51 -34.45 -8.52
N TRP C 36 2.23 -33.48 -9.08
CA TRP C 36 3.21 -32.68 -8.34
C TRP C 36 2.59 -31.28 -8.27
N VAL C 37 2.45 -30.70 -7.09
CA VAL C 37 1.76 -29.39 -6.91
C VAL C 37 2.69 -28.51 -6.08
N ARG C 38 2.96 -27.31 -6.54
CA ARG C 38 3.92 -26.40 -5.88
C ARG C 38 3.15 -25.29 -5.17
N GLN C 39 3.65 -24.82 -4.03
CA GLN C 39 3.03 -23.69 -3.31
C GLN C 39 4.13 -22.75 -2.88
N ALA C 40 4.27 -21.64 -3.59
CA ALA C 40 5.28 -20.63 -3.29
C ALA C 40 4.88 -19.90 -2.01
N PRO C 41 5.81 -19.26 -1.30
CA PRO C 41 5.49 -18.66 0.00
C PRO C 41 4.32 -17.65 -0.08
N GLY C 42 3.28 -17.85 0.71
CA GLY C 42 2.11 -16.96 0.76
C GLY C 42 1.29 -17.01 -0.50
N GLN C 43 1.49 -18.02 -1.34
CA GLN C 43 0.81 -18.11 -2.65
C GLN C 43 -0.11 -19.33 -2.70
N GLY C 44 -0.89 -19.46 -3.77
CA GLY C 44 -1.81 -20.58 -3.94
C GLY C 44 -1.12 -21.80 -4.51
N LEU C 45 -1.86 -22.74 -5.10
CA LEU C 45 -1.31 -24.01 -5.64
C LEU C 45 -1.04 -23.89 -7.13
N ASP C 46 0.09 -24.44 -7.59
CA ASP C 46 0.47 -24.45 -9.01
C ASP C 46 0.79 -25.88 -9.42
N TRP C 47 0.06 -26.44 -10.37
CA TRP C 47 0.27 -27.81 -10.87
C TRP C 47 1.52 -27.88 -11.73
N LEU C 48 2.45 -28.76 -11.42
CA LEU C 48 3.70 -28.96 -12.20
C LEU C 48 3.42 -29.99 -13.29
N GLY C 49 2.45 -30.85 -13.06
CA GLY C 49 2.16 -31.95 -13.98
C GLY C 49 1.90 -33.24 -13.22
N TRP C 50 1.83 -34.36 -13.92
CA TRP C 50 1.57 -35.67 -13.30
C TRP C 50 2.51 -36.71 -13.89
N ILE C 51 2.66 -37.82 -13.18
CA ILE C 51 3.46 -38.95 -13.71
C ILE C 51 2.59 -40.19 -13.68
N ASN C 52 2.58 -40.92 -14.79
CA ASN C 52 1.86 -42.21 -14.88
C ASN C 52 2.73 -43.23 -14.14
N THR C 53 2.29 -43.78 -13.01
CA THR C 53 3.11 -44.71 -12.18
C THR C 53 3.10 -46.10 -12.82
N ASN C 54 2.20 -46.35 -13.77
CA ASN C 54 2.10 -47.65 -14.46
C ASN C 54 3.11 -47.70 -15.61
N THR C 55 3.31 -46.60 -16.34
CA THR C 55 4.18 -46.58 -17.55
C THR C 55 5.44 -45.75 -17.36
N GLY C 56 5.49 -44.84 -16.39
CA GLY C 56 6.64 -43.96 -16.17
C GLY C 56 6.59 -42.72 -17.04
N ASN C 57 5.54 -42.58 -17.87
CA ASN C 57 5.40 -41.44 -18.79
C ASN C 57 5.04 -40.18 -18.00
N PRO C 58 5.83 -39.09 -18.05
CA PRO C 58 5.48 -37.87 -17.36
C PRO C 58 4.75 -36.86 -18.25
N THR C 59 3.76 -36.16 -17.70
CA THR C 59 3.03 -35.07 -18.40
C THR C 59 3.30 -33.78 -17.65
N TYR C 60 4.00 -32.84 -18.25
CA TYR C 60 4.38 -31.58 -17.59
C TYR C 60 3.41 -30.47 -17.95
N ALA C 61 3.11 -29.60 -17.00
CA ALA C 61 2.25 -28.42 -17.23
C ALA C 61 3.02 -27.41 -18.06
N GLN C 62 2.34 -26.51 -18.75
CA GLN C 62 2.96 -25.46 -19.58
C GLN C 62 3.93 -24.65 -18.73
N GLY C 63 5.13 -24.36 -19.23
CA GLY C 63 6.14 -23.57 -18.49
C GLY C 63 7.05 -24.42 -17.65
N PHE C 64 6.61 -25.57 -17.15
CA PHE C 64 7.42 -26.51 -16.32
C PHE C 64 7.98 -27.61 -17.19
N THR C 65 8.08 -27.40 -18.50
CA THR C 65 8.51 -28.47 -19.46
C THR C 65 10.03 -28.52 -19.64
N GLY C 66 10.80 -27.60 -19.07
CA GLY C 66 12.24 -27.51 -19.35
C GLY C 66 13.17 -27.88 -18.21
N ARG C 67 12.93 -27.42 -16.98
CA ARG C 67 13.88 -27.62 -15.86
C ARG C 67 13.35 -28.67 -14.88
N PHE C 68 12.15 -29.20 -15.12
CA PHE C 68 11.51 -30.17 -14.21
C PHE C 68 11.47 -31.54 -14.85
N VAL C 69 11.86 -32.56 -14.10
CA VAL C 69 11.85 -33.96 -14.61
C VAL C 69 11.20 -34.87 -13.58
N PHE C 70 10.10 -35.51 -13.93
CA PHE C 70 9.47 -36.52 -13.05
C PHE C 70 10.10 -37.86 -13.39
N SER C 71 10.40 -38.69 -12.42
CA SER C 71 10.95 -40.04 -12.65
C SER C 71 10.30 -41.04 -11.69
N LEU C 72 10.64 -42.32 -11.80
CA LEU C 72 10.00 -43.38 -11.01
C LEU C 72 10.98 -44.45 -10.56
N ASP C 73 10.65 -45.22 -9.54
CA ASP C 73 11.40 -46.42 -9.13
C ASP C 73 10.27 -47.30 -8.63
N THR C 74 9.51 -47.89 -9.54
CA THR C 74 8.28 -48.64 -9.22
C THR C 74 8.53 -49.81 -8.26
N SER C 75 9.71 -50.40 -8.25
CA SER C 75 10.01 -51.56 -7.38
C SER C 75 9.87 -51.16 -5.92
N VAL C 76 10.19 -49.90 -5.59
CA VAL C 76 10.15 -49.38 -4.19
C VAL C 76 8.95 -48.45 -4.00
N GLY C 77 8.06 -48.37 -4.99
CA GLY C 77 6.85 -47.53 -4.90
C GLY C 77 7.18 -46.10 -4.58
N SER C 78 8.15 -45.52 -5.26
CA SER C 78 8.61 -44.13 -5.02
C SER C 78 8.62 -43.32 -6.30
N ALA C 79 8.30 -42.03 -6.22
CA ALA C 79 8.35 -41.11 -7.36
C ALA C 79 9.37 -40.04 -7.01
N TYR C 80 9.98 -39.41 -8.01
CA TYR C 80 11.01 -38.39 -7.77
C TYR C 80 10.75 -37.19 -8.67
N LEU C 81 11.07 -36.00 -8.20
CA LEU C 81 10.97 -34.76 -8.98
C LEU C 81 12.34 -34.11 -8.91
N GLN C 82 12.98 -33.87 -10.04
CA GLN C 82 14.29 -33.19 -10.07
C GLN C 82 14.09 -31.83 -10.69
N ILE C 83 14.66 -30.78 -10.10
CA ILE C 83 14.60 -29.42 -10.69
C ILE C 83 16.04 -29.02 -10.98
N SER C 84 16.31 -28.56 -12.18
CA SER C 84 17.68 -28.18 -12.61
C SER C 84 17.76 -26.66 -12.76
N SER C 85 18.96 -26.10 -12.76
CA SER C 85 19.17 -24.64 -12.92
C SER C 85 18.18 -23.93 -12.01
N LEU C 86 18.23 -24.21 -10.71
CA LEU C 86 17.25 -23.65 -9.73
C LEU C 86 17.27 -22.13 -9.80
N LYS C 87 16.13 -21.50 -9.63
CA LYS C 87 16.04 -20.02 -9.58
C LYS C 87 15.31 -19.70 -8.27
N ALA C 88 15.52 -18.53 -7.71
CA ALA C 88 14.84 -18.08 -6.48
C ALA C 88 13.34 -18.29 -6.61
N GLU C 89 12.80 -18.14 -7.82
CA GLU C 89 11.35 -18.28 -8.08
C GLU C 89 10.89 -19.72 -7.86
N ASP C 90 11.82 -20.66 -7.73
CA ASP C 90 11.50 -22.09 -7.51
C ASP C 90 11.25 -22.34 -6.03
N SER C 91 11.65 -21.40 -5.17
CA SER C 91 11.47 -21.53 -3.71
C SER C 91 9.98 -21.78 -3.44
N ALA C 92 9.64 -22.90 -2.82
CA ALA C 92 8.23 -23.28 -2.58
C ALA C 92 8.13 -24.60 -1.84
N VAL C 93 6.95 -24.93 -1.36
CA VAL C 93 6.68 -26.26 -0.79
C VAL C 93 6.21 -27.06 -1.98
N TYR C 94 6.84 -28.19 -2.24
CA TYR C 94 6.47 -29.08 -3.36
C TYR C 94 5.65 -30.18 -2.72
N PHE C 95 4.47 -30.44 -3.22
CA PHE C 95 3.58 -31.49 -2.70
C PHE C 95 3.44 -32.64 -3.69
N CYS C 96 3.48 -33.86 -3.20
CA CYS C 96 3.17 -35.07 -3.99
C CYS C 96 1.69 -35.29 -3.70
N ALA C 97 0.90 -35.81 -4.62
CA ALA C 97 -0.52 -36.11 -4.34
C ALA C 97 -1.00 -37.25 -5.21
N ARG C 98 -1.76 -38.18 -4.65
CA ARG C 98 -2.30 -39.32 -5.41
C ARG C 98 -3.54 -38.90 -6.17
N VAL C 99 -3.56 -39.17 -7.47
CA VAL C 99 -4.72 -38.82 -8.33
C VAL C 99 -5.71 -39.97 -8.32
N ARG C 100 -6.99 -39.68 -8.11
CA ARG C 100 -8.08 -40.67 -8.19
C ARG C 100 -8.85 -40.30 -9.45
N PHE C 101 -9.04 -41.24 -10.36
CA PHE C 101 -9.74 -40.99 -11.64
C PHE C 101 -10.68 -42.17 -11.87
N HIS C 102 -11.97 -42.02 -11.59
CA HIS C 102 -12.95 -43.12 -11.69
C HIS C 102 -14.33 -42.53 -12.00
N GLY C 103 -15.23 -43.35 -12.56
CA GLY C 103 -16.59 -42.90 -12.87
C GLY C 103 -17.43 -43.96 -13.54
N SER C 104 -17.91 -43.71 -14.76
CA SER C 104 -18.68 -44.69 -15.55
C SER C 104 -18.67 -44.28 -17.02
N GLY C 105 -18.47 -45.24 -17.92
CA GLY C 105 -18.51 -44.96 -19.37
C GLY C 105 -17.26 -45.40 -20.07
N SER C 106 -17.36 -45.69 -21.37
CA SER C 106 -16.21 -46.13 -22.20
C SER C 106 -15.19 -45.00 -22.24
N PHE C 107 -15.63 -43.76 -22.46
CA PHE C 107 -14.71 -42.59 -22.55
C PHE C 107 -14.85 -41.77 -21.28
N PRO C 108 -13.77 -41.53 -20.50
CA PRO C 108 -13.87 -40.65 -19.35
C PRO C 108 -14.15 -39.20 -19.76
N GLN C 109 -15.13 -38.54 -19.14
CA GLN C 109 -15.40 -37.11 -19.38
C GLN C 109 -16.00 -36.53 -18.10
N PRO C 110 -15.93 -35.21 -17.87
CA PRO C 110 -16.37 -34.62 -16.61
C PRO C 110 -17.81 -34.95 -16.19
N ALA C 111 -18.71 -35.21 -17.13
CA ALA C 111 -20.13 -35.49 -16.83
C ALA C 111 -20.27 -36.78 -16.04
N ASP C 112 -19.35 -37.73 -16.22
CA ASP C 112 -19.52 -39.07 -15.59
C ASP C 112 -18.28 -39.50 -14.80
N PHE C 113 -17.14 -38.83 -14.92
CA PHE C 113 -15.89 -39.23 -14.23
C PHE C 113 -15.49 -38.18 -13.20
N TYR C 114 -14.71 -38.58 -12.19
CA TYR C 114 -14.24 -37.69 -11.11
C TYR C 114 -12.71 -37.67 -11.14
N TYR C 115 -12.08 -36.51 -11.01
CA TYR C 115 -10.61 -36.38 -10.92
C TYR C 115 -10.39 -35.61 -9.62
N TYR C 116 -9.76 -36.21 -8.62
CA TYR C 116 -9.45 -35.53 -7.35
C TYR C 116 -8.17 -36.11 -6.78
N MET C 117 -7.57 -35.41 -5.83
CA MET C 117 -6.35 -35.88 -5.16
C MET C 117 -6.75 -36.16 -3.72
N ASP C 118 -6.75 -37.42 -3.28
CA ASP C 118 -7.27 -37.79 -1.93
C ASP C 118 -6.15 -37.89 -0.91
N VAL C 119 -4.96 -38.33 -1.31
CA VAL C 119 -3.83 -38.54 -0.36
C VAL C 119 -2.70 -37.60 -0.77
N TRP C 120 -2.20 -36.81 0.16
CA TRP C 120 -1.15 -35.80 -0.12
C TRP C 120 0.07 -36.01 0.75
N GLY C 121 1.25 -35.83 0.18
CA GLY C 121 2.46 -35.82 0.99
C GLY C 121 2.40 -34.58 1.86
N LYS C 122 3.26 -34.45 2.86
CA LYS C 122 3.25 -33.32 3.82
C LYS C 122 3.88 -32.09 3.20
N GLY C 123 4.52 -32.25 2.07
CA GLY C 123 5.19 -31.14 1.38
C GLY C 123 6.67 -31.11 1.65
N THR C 124 7.50 -30.86 0.64
CA THR C 124 8.95 -30.72 0.78
C THR C 124 9.27 -29.26 0.52
N THR C 125 9.81 -28.57 1.50
CA THR C 125 10.16 -27.14 1.35
C THR C 125 11.46 -27.10 0.56
N VAL C 126 11.55 -26.28 -0.46
CA VAL C 126 12.79 -26.08 -1.24
C VAL C 126 13.04 -24.58 -1.19
N THR C 127 14.14 -24.15 -0.60
CA THR C 127 14.50 -22.73 -0.52
C THR C 127 15.68 -22.50 -1.45
N VAL C 128 15.51 -21.73 -2.51
CA VAL C 128 16.62 -21.40 -3.44
C VAL C 128 17.03 -19.95 -3.15
N SER C 129 18.25 -19.73 -2.67
CA SER C 129 18.76 -18.39 -2.32
C SER C 129 20.28 -18.32 -2.48
N SER C 130 20.79 -17.16 -2.86
CA SER C 130 22.24 -16.91 -3.00
C SER C 130 22.83 -16.64 -1.63
N ALA C 131 22.01 -16.59 -0.58
CA ALA C 131 22.46 -16.26 0.78
C ALA C 131 23.13 -17.46 1.41
N SER C 132 24.03 -17.23 2.35
CA SER C 132 24.71 -18.31 3.08
C SER C 132 24.20 -18.33 4.52
N THR C 133 24.21 -19.49 5.18
CA THR C 133 23.69 -19.64 6.54
C THR C 133 24.37 -18.65 7.47
N LYS C 134 23.58 -17.77 8.11
CA LYS C 134 24.10 -16.79 9.07
C LYS C 134 23.16 -16.76 10.28
N GLY C 135 23.69 -16.65 11.47
CA GLY C 135 22.88 -16.56 12.69
C GLY C 135 22.40 -15.15 12.92
N PRO C 136 21.34 -14.96 13.72
CA PRO C 136 20.75 -13.65 13.85
C PRO C 136 21.39 -12.66 14.82
N SER C 137 21.35 -11.38 14.51
CA SER C 137 21.72 -10.35 15.49
C SER C 137 20.44 -10.20 16.32
N VAL C 138 20.50 -10.11 17.64
CA VAL C 138 19.30 -9.94 18.51
C VAL C 138 19.41 -8.60 19.22
N PHE C 139 18.45 -7.70 19.02
CA PHE C 139 18.47 -6.35 19.62
C PHE C 139 17.21 -6.16 20.45
N PRO C 140 17.28 -5.52 21.62
CA PRO C 140 16.12 -5.36 22.43
C PRO C 140 15.18 -4.25 21.97
N LEU C 141 13.87 -4.47 22.06
CA LEU C 141 12.87 -3.42 21.80
C LEU C 141 12.50 -2.99 23.23
N ALA C 142 13.23 -2.03 23.78
CA ALA C 142 13.09 -1.66 25.20
C ALA C 142 11.76 -0.95 25.45
N PRO C 143 11.08 -1.25 26.57
CA PRO C 143 9.80 -0.64 26.85
C PRO C 143 9.96 0.86 27.10
N SER C 144 9.09 1.67 26.50
CA SER C 144 9.15 3.14 26.61
C SER C 144 8.60 3.57 27.98
N SER C 145 8.63 4.87 28.31
CA SER C 145 8.05 5.42 29.54
C SER C 145 6.56 5.09 29.64
N GLY C 151 -1.80 0.97 31.79
CA GLY C 151 -0.89 0.45 32.82
C GLY C 151 -0.09 -0.71 32.31
N THR C 152 -0.01 -0.86 30.98
CA THR C 152 0.68 -2.00 30.34
C THR C 152 1.84 -1.52 29.49
N ALA C 153 2.91 -2.28 29.44
CA ALA C 153 4.13 -1.94 28.67
C ALA C 153 4.41 -3.05 27.67
N ALA C 154 4.81 -2.70 26.47
CA ALA C 154 5.20 -3.68 25.44
C ALA C 154 6.72 -3.67 25.37
N LEU C 155 7.34 -4.83 25.24
CA LEU C 155 8.81 -4.94 25.09
C LEU C 155 9.05 -6.11 24.15
N GLY C 156 10.26 -6.22 23.61
CA GLY C 156 10.49 -7.28 22.63
C GLY C 156 11.93 -7.49 22.26
N CYS C 157 12.17 -8.32 21.26
CA CYS C 157 13.51 -8.61 20.73
C CYS C 157 13.41 -8.55 19.22
N LEU C 158 14.31 -7.83 18.56
CA LEU C 158 14.38 -7.75 17.09
C LEU C 158 15.42 -8.78 16.64
N VAL C 159 14.98 -9.88 16.04
CA VAL C 159 15.88 -10.97 15.56
C VAL C 159 16.16 -10.62 14.11
N LYS C 160 17.34 -10.08 13.80
CA LYS C 160 17.63 -9.53 12.46
C LYS C 160 18.78 -10.18 11.71
N ASP C 161 18.71 -10.26 10.37
CA ASP C 161 19.81 -10.71 9.48
C ASP C 161 20.22 -12.16 9.74
N TYR C 162 19.29 -13.10 9.68
CA TYR C 162 19.61 -14.53 9.80
C TYR C 162 19.15 -15.26 8.55
N PHE C 163 19.73 -16.41 8.27
CA PHE C 163 19.39 -17.25 7.11
C PHE C 163 19.92 -18.64 7.40
N PRO C 164 19.19 -19.72 7.06
CA PRO C 164 17.84 -19.64 6.52
C PRO C 164 16.75 -19.74 7.59
N GLU C 165 15.49 -19.72 7.23
CA GLU C 165 14.45 -19.98 8.25
C GLU C 165 14.73 -21.37 8.83
N PRO C 166 14.24 -21.73 10.04
CA PRO C 166 13.62 -20.78 10.95
C PRO C 166 14.36 -20.40 12.24
N VAL C 167 13.88 -19.40 12.97
CA VAL C 167 14.41 -19.03 14.31
C VAL C 167 13.28 -19.33 15.29
N THR C 168 13.59 -19.84 16.47
CA THR C 168 12.58 -20.05 17.53
C THR C 168 12.82 -18.94 18.53
N VAL C 169 11.76 -18.34 19.06
CA VAL C 169 11.90 -17.30 20.11
C VAL C 169 10.99 -17.70 21.26
N SER C 170 11.51 -17.67 22.49
CA SER C 170 10.70 -17.94 23.69
C SER C 170 10.97 -16.80 24.66
N TRP C 171 10.19 -16.67 25.71
CA TRP C 171 10.41 -15.63 26.75
C TRP C 171 10.61 -16.30 28.10
N ASN C 172 11.60 -15.87 28.86
CA ASN C 172 11.87 -16.42 30.21
C ASN C 172 11.89 -17.95 30.10
N SER C 173 12.62 -18.49 29.13
CA SER C 173 12.80 -19.95 28.95
C SER C 173 11.45 -20.66 28.87
N GLY C 174 10.40 -19.99 28.41
CA GLY C 174 9.09 -20.62 28.20
C GLY C 174 8.05 -20.28 29.26
N ALA C 175 8.45 -19.76 30.40
CA ALA C 175 7.53 -19.37 31.49
C ALA C 175 6.59 -18.29 30.98
N LEU C 176 7.12 -17.30 30.25
CA LEU C 176 6.32 -16.17 29.73
C LEU C 176 5.74 -16.56 28.38
N THR C 177 4.43 -16.77 28.33
CA THR C 177 3.74 -17.25 27.10
C THR C 177 2.57 -16.34 26.73
N SER C 178 1.86 -15.79 27.69
CA SER C 178 0.64 -14.96 27.44
C SER C 178 1.01 -13.60 26.87
N GLY C 179 0.30 -13.14 25.85
CA GLY C 179 0.53 -11.82 25.25
C GLY C 179 1.74 -11.80 24.32
N VAL C 180 2.37 -12.96 24.10
CA VAL C 180 3.57 -13.05 23.24
C VAL C 180 3.13 -13.08 21.78
N HIS C 181 3.66 -12.20 20.95
CA HIS C 181 3.41 -12.21 19.49
C HIS C 181 4.77 -12.29 18.79
N THR C 182 5.06 -13.40 18.14
CA THR C 182 6.30 -13.54 17.35
C THR C 182 5.84 -13.42 15.90
N PHE C 183 6.27 -12.37 15.22
CA PHE C 183 5.83 -12.07 13.85
C PHE C 183 6.46 -13.02 12.84
N PRO C 184 5.74 -13.34 11.75
CA PRO C 184 6.31 -14.15 10.69
C PRO C 184 7.57 -13.46 10.16
N ALA C 185 8.61 -14.21 9.84
CA ALA C 185 9.86 -13.65 9.31
C ALA C 185 9.61 -12.92 7.98
N VAL C 186 10.29 -11.82 7.76
CA VAL C 186 10.19 -11.03 6.50
C VAL C 186 11.55 -11.07 5.81
N LEU C 187 11.58 -11.40 4.53
CA LEU C 187 12.84 -11.44 3.75
C LEU C 187 13.22 -10.00 3.41
N GLN C 188 14.41 -9.56 3.83
CA GLN C 188 14.90 -8.20 3.55
C GLN C 188 15.54 -8.21 2.16
N SER C 189 15.87 -7.05 1.60
CA SER C 189 16.51 -6.89 0.26
C SER C 189 17.87 -7.57 0.26
N SER C 190 18.47 -7.80 1.42
CA SER C 190 19.78 -8.46 1.58
C SER C 190 19.68 -9.97 1.33
N GLY C 191 18.48 -10.52 1.23
CA GLY C 191 18.30 -11.98 1.14
C GLY C 191 18.30 -12.61 2.51
N LEU C 192 18.48 -11.82 3.57
CA LEU C 192 18.43 -12.31 4.97
C LEU C 192 17.06 -12.00 5.58
N TYR C 193 16.64 -12.80 6.55
CA TYR C 193 15.31 -12.66 7.20
C TYR C 193 15.41 -11.79 8.44
N SER C 194 14.30 -11.20 8.85
CA SER C 194 14.22 -10.41 10.09
C SER C 194 12.84 -10.61 10.70
N LEU C 195 12.73 -10.69 12.02
CA LEU C 195 11.41 -10.74 12.68
C LEU C 195 11.54 -10.14 14.06
N SER C 196 10.41 -9.76 14.65
CA SER C 196 10.38 -9.24 16.03
C SER C 196 9.49 -10.15 16.85
N SER C 197 9.82 -10.34 18.12
CA SER C 197 8.96 -11.07 19.06
C SER C 197 8.67 -10.06 20.15
N VAL C 198 7.40 -9.83 20.45
CA VAL C 198 7.00 -8.79 21.43
C VAL C 198 6.10 -9.44 22.45
N VAL C 199 6.00 -8.81 23.61
CA VAL C 199 5.09 -9.29 24.68
C VAL C 199 4.66 -8.07 25.47
N THR C 200 3.45 -8.11 26.01
CA THR C 200 2.92 -7.03 26.84
C THR C 200 3.01 -7.50 28.29
N VAL C 201 3.46 -6.65 29.21
CA VAL C 201 3.66 -7.02 30.62
C VAL C 201 3.17 -5.89 31.50
N PRO C 202 2.91 -6.12 32.79
CA PRO C 202 2.53 -5.06 33.69
C PRO C 202 3.68 -4.07 33.79
N SER C 203 3.45 -2.79 33.54
CA SER C 203 4.48 -1.73 33.63
C SER C 203 5.10 -1.68 35.02
N SER C 204 4.40 -2.16 36.05
CA SER C 204 4.89 -2.14 37.46
C SER C 204 6.00 -3.17 37.65
N SER C 205 6.13 -4.14 36.75
CA SER C 205 7.11 -5.24 36.90
C SER C 205 8.40 -4.95 36.13
N LEU C 206 8.49 -3.84 35.42
CA LEU C 206 9.65 -3.57 34.54
C LEU C 206 10.94 -3.32 35.34
N GLY C 207 10.84 -3.08 36.65
CA GLY C 207 12.03 -2.87 37.50
C GLY C 207 12.33 -4.08 38.35
N THR C 208 11.32 -4.87 38.67
CA THR C 208 11.46 -6.05 39.56
C THR C 208 11.66 -7.30 38.76
N GLN C 209 10.84 -7.50 37.73
CA GLN C 209 10.85 -8.76 36.95
C GLN C 209 11.83 -8.63 35.78
N THR C 210 12.58 -9.68 35.49
CA THR C 210 13.53 -9.70 34.35
C THR C 210 12.80 -10.29 33.16
N TYR C 211 13.06 -9.80 31.96
CA TYR C 211 12.44 -10.32 30.72
C TYR C 211 13.57 -10.66 29.75
N ILE C 212 13.68 -11.92 29.36
CA ILE C 212 14.76 -12.36 28.45
C ILE C 212 14.14 -13.14 27.29
N CYS C 213 14.53 -12.82 26.07
CA CYS C 213 14.06 -13.57 24.89
C CYS C 213 15.12 -14.62 24.58
N ASN C 214 14.73 -15.84 24.27
CA ASN C 214 15.64 -16.96 23.98
C ASN C 214 15.55 -17.25 22.49
N VAL C 215 16.51 -16.78 21.71
CA VAL C 215 16.52 -16.97 20.23
C VAL C 215 17.36 -18.20 19.91
N ASN C 216 16.85 -19.11 19.09
CA ASN C 216 17.61 -20.31 18.67
C ASN C 216 17.53 -20.44 17.15
N HIS C 217 18.67 -20.36 16.48
CA HIS C 217 18.78 -20.51 15.02
C HIS C 217 19.61 -21.76 14.82
N LYS C 218 18.98 -22.93 14.80
CA LYS C 218 19.68 -24.23 14.70
C LYS C 218 20.50 -24.35 13.41
N PRO C 219 20.04 -23.92 12.22
CA PRO C 219 20.88 -24.05 11.04
C PRO C 219 22.28 -23.44 11.18
N SER C 220 22.52 -22.54 12.13
CA SER C 220 23.85 -21.93 12.38
C SER C 220 24.33 -22.27 13.80
N ASN C 221 23.57 -23.08 14.53
CA ASN C 221 23.95 -23.48 15.90
C ASN C 221 24.07 -22.22 16.75
N THR C 222 23.33 -21.17 16.41
CA THR C 222 23.38 -19.89 17.16
C THR C 222 22.26 -19.86 18.19
N LYS C 223 22.59 -19.66 19.45
CA LYS C 223 21.59 -19.56 20.53
C LYS C 223 21.89 -18.27 21.27
N VAL C 224 20.88 -17.44 21.52
CA VAL C 224 21.08 -16.10 22.14
C VAL C 224 20.02 -15.90 23.21
N ASP C 225 20.40 -15.44 24.40
CA ASP C 225 19.43 -15.09 25.46
C ASP C 225 19.70 -13.61 25.72
N LYS C 226 18.76 -12.73 25.40
CA LYS C 226 18.96 -11.27 25.53
C LYS C 226 18.02 -10.71 26.58
N LYS C 227 18.53 -9.96 27.55
CA LYS C 227 17.69 -9.34 28.61
C LYS C 227 17.21 -8.00 28.06
N VAL C 228 15.90 -7.74 28.12
CA VAL C 228 15.30 -6.47 27.63
C VAL C 228 14.95 -5.63 28.85
N GLU C 229 15.50 -4.43 28.96
CA GLU C 229 15.18 -3.52 30.08
C GLU C 229 15.10 -2.12 29.51
N PRO C 230 14.43 -1.18 30.19
CA PRO C 230 14.27 0.13 29.63
C PRO C 230 15.58 0.90 29.54
N LYS C 231 15.54 2.09 28.93
CA LYS C 231 16.73 2.96 28.74
C LYS C 231 17.93 2.11 28.33
N GLU D 1 -6.75 -20.76 -21.67
CA GLU D 1 -6.49 -21.43 -20.36
C GLU D 1 -7.73 -21.31 -19.50
N ILE D 2 -8.06 -22.35 -18.73
CA ILE D 2 -9.11 -22.18 -17.75
C ILE D 2 -8.53 -21.38 -16.59
N VAL D 3 -9.31 -20.43 -16.08
CA VAL D 3 -8.91 -19.60 -14.94
C VAL D 3 -10.02 -19.62 -13.92
N LEU D 4 -9.69 -19.89 -12.65
CA LEU D 4 -10.67 -19.95 -11.57
C LEU D 4 -10.51 -18.74 -10.63
N THR D 5 -11.51 -17.88 -10.64
CA THR D 5 -11.53 -16.70 -9.78
C THR D 5 -12.37 -17.04 -8.56
N GLN D 6 -11.70 -17.14 -7.40
CA GLN D 6 -12.37 -17.40 -6.14
C GLN D 6 -12.65 -16.09 -5.45
N SER D 7 -13.90 -15.90 -5.03
CA SER D 7 -14.34 -14.70 -4.35
C SER D 7 -15.16 -15.11 -3.13
N PRO D 8 -15.01 -14.38 -2.00
CA PRO D 8 -14.05 -13.31 -1.78
C PRO D 8 -12.69 -13.90 -1.44
N GLY D 9 -11.61 -13.12 -1.55
CA GLY D 9 -10.32 -13.59 -1.10
C GLY D 9 -10.29 -13.85 0.40
N THR D 10 -11.05 -13.06 1.16
CA THR D 10 -11.21 -13.28 2.60
C THR D 10 -12.70 -13.24 2.88
N LEU D 11 -13.20 -14.31 3.48
CA LEU D 11 -14.58 -14.44 3.91
C LEU D 11 -14.60 -14.42 5.43
N SER D 12 -15.18 -13.38 6.00
CA SER D 12 -15.17 -13.17 7.44
C SER D 12 -16.51 -13.62 7.98
N LEU D 13 -16.50 -14.70 8.75
CA LEU D 13 -17.74 -15.25 9.27
C LEU D 13 -17.54 -15.59 10.73
N SER D 14 -18.70 -15.59 11.51
CA SER D 14 -18.72 -16.00 12.91
C SER D 14 -18.94 -17.50 13.00
N PRO D 15 -18.37 -18.17 13.99
CA PRO D 15 -18.71 -19.60 14.18
C PRO D 15 -20.22 -19.78 14.31
N GLY D 16 -20.72 -20.87 13.70
CA GLY D 16 -22.12 -21.15 13.66
C GLY D 16 -22.84 -20.56 12.48
N GLU D 17 -22.20 -19.64 11.75
CA GLU D 17 -22.84 -18.99 10.62
C GLU D 17 -22.70 -19.83 9.36
N ARG D 18 -23.46 -19.47 8.34
CA ARG D 18 -23.38 -20.09 7.03
C ARG D 18 -22.29 -19.44 6.20
N GLY D 19 -21.44 -20.26 5.60
CA GLY D 19 -20.42 -19.73 4.74
C GLY D 19 -20.59 -20.23 3.31
N THR D 20 -20.52 -19.31 2.34
CA THR D 20 -20.62 -19.66 0.94
C THR D 20 -19.36 -19.19 0.22
N LEU D 21 -18.63 -20.12 -0.39
CA LEU D 21 -17.44 -19.79 -1.17
C LEU D 21 -17.68 -19.95 -2.65
N SER D 22 -17.31 -18.93 -3.43
CA SER D 22 -17.60 -18.88 -4.85
C SER D 22 -16.32 -19.13 -5.66
N CYS D 23 -16.43 -19.97 -6.69
CA CYS D 23 -15.34 -20.23 -7.62
C CYS D 23 -15.92 -20.00 -9.01
N ARG D 24 -15.57 -18.89 -9.64
CA ARG D 24 -16.15 -18.54 -10.93
C ARG D 24 -15.11 -18.80 -12.03
N ALA D 25 -15.48 -19.62 -13.01
CA ALA D 25 -14.54 -20.08 -14.02
C ALA D 25 -14.64 -19.23 -15.27
N SER D 26 -13.54 -19.19 -16.02
CA SER D 26 -13.51 -18.46 -17.29
C SER D 26 -14.25 -19.18 -18.41
N GLN D 27 -14.85 -20.34 -18.12
CA GLN D 27 -15.81 -20.99 -19.00
C GLN D 27 -16.75 -21.82 -18.11
N SER D 28 -17.57 -22.65 -18.73
CA SER D 28 -18.58 -23.39 -17.99
C SER D 28 -17.94 -24.40 -17.05
N VAL D 29 -18.42 -24.41 -15.80
CA VAL D 29 -17.73 -25.13 -14.75
C VAL D 29 -17.84 -26.64 -14.95
N ARG D 30 -19.00 -27.13 -15.33
CA ARG D 30 -19.15 -28.57 -15.46
C ARG D 30 -18.39 -29.16 -16.65
N GLY D 31 -17.73 -28.33 -17.48
CA GLY D 31 -16.85 -28.82 -18.53
C GLY D 31 -15.49 -29.32 -18.05
N GLY D 32 -15.26 -29.31 -16.74
CA GLY D 32 -14.07 -29.91 -16.15
C GLY D 32 -14.37 -30.78 -14.93
N TYR D 33 -13.30 -31.39 -14.41
CA TYR D 33 -13.38 -32.22 -13.21
C TYR D 33 -13.09 -31.35 -12.00
N LEU D 34 -14.08 -31.20 -11.13
CA LEU D 34 -14.12 -30.21 -10.06
C LEU D 34 -13.82 -30.85 -8.72
N ALA D 35 -13.30 -30.04 -7.80
CA ALA D 35 -13.14 -30.50 -6.42
C ALA D 35 -12.87 -29.29 -5.55
N TRP D 36 -13.21 -29.39 -4.26
CA TRP D 36 -12.86 -28.40 -3.25
C TRP D 36 -11.88 -29.00 -2.28
N TYR D 37 -10.87 -28.20 -1.89
CA TYR D 37 -9.85 -28.61 -0.93
C TYR D 37 -9.77 -27.58 0.20
N GLN D 38 -9.40 -28.05 1.39
CA GLN D 38 -9.15 -27.20 2.56
C GLN D 38 -7.68 -27.30 2.93
N GLN D 39 -7.07 -26.18 3.27
CA GLN D 39 -5.68 -26.21 3.69
C GLN D 39 -5.47 -25.35 4.93
N LYS D 40 -4.90 -25.90 5.95
CA LYS D 40 -4.55 -25.15 7.14
C LYS D 40 -3.04 -24.93 7.17
N PRO D 41 -2.59 -23.92 7.95
CA PRO D 41 -1.15 -23.60 7.96
C PRO D 41 -0.27 -24.82 8.17
N GLY D 42 0.78 -24.89 7.35
CA GLY D 42 1.78 -25.93 7.47
C GLY D 42 1.33 -27.32 7.05
N GLN D 43 0.12 -27.47 6.51
CA GLN D 43 -0.41 -28.76 6.17
C GLN D 43 -0.61 -28.87 4.67
N ALA D 44 -0.69 -30.10 4.18
CA ALA D 44 -1.13 -30.32 2.82
C ALA D 44 -2.62 -30.00 2.69
N PRO D 45 -3.06 -29.60 1.50
CA PRO D 45 -4.50 -29.50 1.27
C PRO D 45 -5.16 -30.82 1.59
N ARG D 46 -6.45 -30.75 1.87
CA ARG D 46 -7.27 -31.91 2.22
C ARG D 46 -8.56 -31.84 1.42
N LEU D 47 -8.92 -32.97 0.81
CA LEU D 47 -10.08 -33.04 -0.06
C LEU D 47 -11.37 -32.96 0.73
N LEU D 48 -12.27 -32.09 0.27
CA LEU D 48 -13.62 -31.99 0.82
C LEU D 48 -14.67 -32.50 -0.16
N ILE D 49 -14.72 -31.94 -1.37
CA ILE D 49 -15.74 -32.24 -2.35
C ILE D 49 -15.03 -32.61 -3.64
N TYR D 50 -15.55 -33.63 -4.33
CA TYR D 50 -15.10 -33.91 -5.69
C TYR D 50 -16.32 -33.99 -6.58
N GLY D 51 -16.08 -33.74 -7.86
CA GLY D 51 -17.19 -33.49 -8.76
C GLY D 51 -17.93 -32.26 -8.34
N ALA D 52 -19.20 -32.18 -8.71
CA ALA D 52 -20.00 -31.01 -8.36
C ALA D 52 -20.34 -31.00 -6.87
N SER D 53 -20.64 -32.20 -6.29
CA SER D 53 -21.21 -32.24 -4.96
C SER D 53 -20.90 -33.51 -4.17
N SER D 54 -19.94 -34.31 -4.57
CA SER D 54 -19.67 -35.58 -3.89
C SER D 54 -18.72 -35.34 -2.73
N ARG D 55 -19.13 -35.80 -1.55
CA ARG D 55 -18.37 -35.56 -0.34
C ARG D 55 -17.34 -36.65 -0.09
N ALA D 56 -16.10 -36.23 0.18
CA ALA D 56 -15.01 -37.16 0.42
C ALA D 56 -15.25 -37.92 1.73
N THR D 57 -14.55 -39.06 1.85
CA THR D 57 -14.68 -39.90 3.04
C THR D 57 -14.19 -39.18 4.29
N GLY D 58 -14.98 -39.24 5.36
CA GLY D 58 -14.61 -38.63 6.62
C GLY D 58 -14.90 -37.15 6.74
N ILE D 59 -15.50 -36.54 5.73
CA ILE D 59 -15.72 -35.10 5.74
C ILE D 59 -17.08 -34.82 6.39
N PRO D 60 -17.17 -33.86 7.30
CA PRO D 60 -18.45 -33.60 7.97
C PRO D 60 -19.56 -33.28 6.97
N ASP D 61 -20.80 -33.54 7.41
CA ASP D 61 -21.98 -33.31 6.58
C ASP D 61 -22.25 -31.82 6.34
N ARG D 62 -21.67 -30.92 7.15
CA ARG D 62 -21.84 -29.49 6.93
C ARG D 62 -21.31 -29.01 5.59
N PHE D 63 -20.41 -29.74 4.96
CA PHE D 63 -19.87 -29.31 3.67
C PHE D 63 -20.74 -29.79 2.52
N SER D 64 -21.07 -28.88 1.60
CA SER D 64 -21.83 -29.26 0.42
C SER D 64 -21.34 -28.42 -0.75
N GLY D 65 -21.42 -29.00 -1.93
CA GLY D 65 -21.01 -28.32 -3.16
C GLY D 65 -22.13 -28.31 -4.15
N SER D 66 -22.10 -27.31 -5.05
CA SER D 66 -23.07 -27.20 -6.13
C SER D 66 -22.38 -26.57 -7.34
N ALA D 67 -22.88 -26.88 -8.53
CA ALA D 67 -22.26 -26.36 -9.75
C ALA D 67 -23.34 -26.09 -10.77
N SER D 68 -23.32 -24.88 -11.32
CA SER D 68 -24.20 -24.51 -12.41
C SER D 68 -23.50 -23.40 -13.18
N GLY D 69 -23.62 -23.44 -14.49
CA GLY D 69 -23.00 -22.43 -15.34
C GLY D 69 -21.52 -22.32 -15.09
N THR D 70 -21.08 -21.12 -14.72
CA THR D 70 -19.67 -20.85 -14.45
C THR D 70 -19.35 -20.79 -12.97
N ASP D 71 -20.33 -21.03 -12.08
CA ASP D 71 -20.15 -20.87 -10.63
C ASP D 71 -20.12 -22.23 -9.94
N TYR D 72 -19.01 -22.50 -9.25
CA TYR D 72 -18.82 -23.66 -8.39
C TYR D 72 -18.81 -23.16 -6.96
N THR D 73 -19.65 -23.74 -6.12
CA THR D 73 -19.88 -23.18 -4.80
C THR D 73 -19.70 -24.28 -3.78
N LEU D 74 -18.94 -23.95 -2.73
CA LEU D 74 -18.86 -24.76 -1.53
C LEU D 74 -19.66 -24.02 -0.46
N THR D 75 -20.60 -24.71 0.15
CA THR D 75 -21.37 -24.16 1.25
C THR D 75 -20.99 -24.91 2.54
N ILE D 76 -20.80 -24.15 3.60
CA ILE D 76 -20.57 -24.72 4.93
C ILE D 76 -21.74 -24.24 5.77
N SER D 77 -22.74 -25.11 5.94
CA SER D 77 -24.03 -24.70 6.46
C SER D 77 -23.90 -24.10 7.85
N ARG D 78 -22.96 -24.61 8.66
CA ARG D 78 -22.76 -24.06 9.99
C ARG D 78 -21.29 -24.21 10.34
N LEU D 79 -20.59 -23.07 10.36
CA LEU D 79 -19.14 -23.05 10.54
C LEU D 79 -18.72 -23.49 11.94
N GLU D 80 -17.81 -24.42 11.98
CA GLU D 80 -17.20 -24.82 13.22
C GLU D 80 -15.83 -24.17 13.33
N PRO D 81 -15.28 -24.12 14.56
CA PRO D 81 -13.94 -23.52 14.72
C PRO D 81 -12.89 -24.15 13.85
N GLU D 82 -12.93 -25.45 13.63
CA GLU D 82 -11.91 -26.11 12.83
C GLU D 82 -12.09 -25.83 11.34
N ASP D 83 -13.13 -25.11 10.94
CA ASP D 83 -13.37 -24.82 9.53
C ASP D 83 -12.67 -23.54 9.06
N PHE D 84 -12.12 -22.76 9.96
CA PHE D 84 -11.45 -21.51 9.55
C PHE D 84 -10.11 -21.94 8.96
N ALA D 85 -9.98 -21.74 7.65
CA ALA D 85 -8.86 -22.24 6.88
C ALA D 85 -8.95 -21.61 5.51
N VAL D 86 -8.07 -22.02 4.61
CA VAL D 86 -8.07 -21.55 3.23
C VAL D 86 -8.64 -22.70 2.38
N TYR D 87 -9.48 -22.33 1.41
CA TYR D 87 -10.21 -23.26 0.56
C TYR D 87 -9.82 -22.98 -0.87
N TYR D 88 -9.46 -24.05 -1.58
CA TYR D 88 -9.07 -23.98 -2.98
C TYR D 88 -10.04 -24.82 -3.82
N CYS D 89 -10.52 -24.24 -4.90
CA CYS D 89 -11.24 -25.04 -5.92
C CYS D 89 -10.27 -25.59 -6.96
N GLN D 90 -10.69 -26.64 -7.64
CA GLN D 90 -9.85 -27.25 -8.67
C GLN D 90 -10.69 -27.47 -9.92
N PHE D 91 -10.06 -27.31 -11.08
CA PHE D 91 -10.66 -27.60 -12.38
C PHE D 91 -9.60 -28.31 -13.19
N TYR D 92 -9.78 -29.61 -13.43
CA TYR D 92 -8.96 -30.36 -14.37
C TYR D 92 -9.76 -30.37 -15.68
N GLY D 93 -9.24 -29.69 -16.71
CA GLY D 93 -9.94 -29.64 -17.99
C GLY D 93 -9.13 -28.84 -18.99
N GLY D 94 -9.78 -28.41 -20.08
CA GLY D 94 -9.15 -27.64 -21.13
C GLY D 94 -8.53 -28.52 -22.21
N SER D 95 -8.29 -27.90 -23.40
CA SER D 95 -7.85 -28.70 -24.54
C SER D 95 -6.47 -29.33 -24.24
N PRO D 96 -5.38 -28.54 -24.10
CA PRO D 96 -4.19 -29.12 -23.44
C PRO D 96 -4.60 -29.27 -22.01
N ARG D 97 -5.08 -30.46 -21.62
CA ARG D 97 -5.54 -30.70 -20.24
C ARG D 97 -4.59 -30.08 -19.22
N ALA D 98 -5.17 -29.49 -18.17
CA ALA D 98 -4.35 -28.88 -17.11
C ALA D 98 -5.18 -28.80 -15.84
N LEU D 99 -4.51 -29.00 -14.71
CA LEU D 99 -5.12 -28.80 -13.40
C LEU D 99 -4.87 -27.35 -13.03
N THR D 100 -5.94 -26.57 -12.93
CA THR D 100 -5.89 -25.20 -12.46
C THR D 100 -6.55 -25.14 -11.09
N PHE D 101 -5.94 -24.38 -10.19
CA PHE D 101 -6.52 -24.11 -8.89
C PHE D 101 -7.00 -22.67 -8.84
N GLY D 102 -8.04 -22.43 -8.05
CA GLY D 102 -8.39 -21.08 -7.74
C GLY D 102 -7.31 -20.44 -6.88
N GLY D 103 -7.44 -19.13 -6.68
CA GLY D 103 -6.49 -18.40 -5.86
C GLY D 103 -6.64 -18.60 -4.37
N GLY D 104 -7.71 -19.26 -3.94
CA GLY D 104 -7.92 -19.50 -2.54
C GLY D 104 -8.80 -18.46 -1.87
N THR D 105 -9.63 -18.91 -0.94
CA THR D 105 -10.46 -18.05 -0.10
C THR D 105 -10.11 -18.42 1.33
N LYS D 106 -9.66 -17.44 2.09
CA LYS D 106 -9.41 -17.62 3.52
C LYS D 106 -10.69 -17.33 4.27
N VAL D 107 -11.16 -18.30 5.04
CA VAL D 107 -12.30 -18.09 5.94
C VAL D 107 -11.73 -17.67 7.28
N GLU D 108 -11.98 -16.40 7.65
CA GLU D 108 -11.42 -15.82 8.87
C GLU D 108 -12.53 -15.62 9.89
N ILE D 109 -12.13 -15.67 11.14
CA ILE D 109 -13.05 -15.52 12.25
C ILE D 109 -13.46 -14.05 12.29
N LYS D 110 -14.75 -13.80 12.10
CA LYS D 110 -15.27 -12.45 12.25
C LYS D 110 -15.52 -12.20 13.72
N ARG D 111 -15.06 -11.06 14.22
CA ARG D 111 -15.30 -10.60 15.59
C ARG D 111 -15.59 -9.09 15.53
N THR D 112 -15.89 -8.53 16.68
CA THR D 112 -16.13 -7.10 16.72
C THR D 112 -14.85 -6.35 16.39
N VAL D 113 -15.03 -5.16 15.83
CA VAL D 113 -13.89 -4.29 15.55
C VAL D 113 -13.12 -4.08 16.82
N ALA D 114 -11.78 -4.06 16.72
CA ALA D 114 -10.92 -3.75 17.84
C ALA D 114 -9.78 -2.84 17.39
N ALA D 115 -9.63 -1.71 18.04
CA ALA D 115 -8.57 -0.80 17.67
C ALA D 115 -7.25 -1.36 18.16
N PRO D 116 -6.15 -1.11 17.48
CA PRO D 116 -4.84 -1.57 18.01
C PRO D 116 -4.38 -0.62 19.09
N SER D 117 -3.64 -1.19 20.04
CA SER D 117 -2.77 -0.43 20.94
C SER D 117 -1.48 -0.30 20.18
N VAL D 118 -0.96 0.92 20.11
CA VAL D 118 0.20 1.23 19.30
C VAL D 118 1.41 1.48 20.18
N PHE D 119 2.56 0.95 19.79
CA PHE D 119 3.77 1.19 20.53
C PHE D 119 4.87 1.51 19.51
N ILE D 120 5.84 2.29 19.91
CA ILE D 120 6.96 2.60 19.04
C ILE D 120 8.25 2.34 19.82
N PHE D 121 9.22 1.73 19.17
CA PHE D 121 10.49 1.37 19.81
C PHE D 121 11.62 2.02 19.05
N PRO D 122 12.45 2.82 19.72
CA PRO D 122 13.63 3.34 19.05
C PRO D 122 14.64 2.23 18.78
N PRO D 123 15.60 2.45 17.91
CA PRO D 123 16.67 1.48 17.74
C PRO D 123 17.47 1.36 19.03
N SER D 124 17.89 0.16 19.36
CA SER D 124 18.75 -0.03 20.52
C SER D 124 20.14 0.57 20.27
N ASP D 125 20.82 0.88 21.36
CA ASP D 125 22.21 1.35 21.23
C ASP D 125 23.11 0.25 20.68
N GLU D 126 22.79 -1.02 20.99
CA GLU D 126 23.55 -2.13 20.45
C GLU D 126 23.58 -2.08 18.92
N GLN D 127 22.41 -1.85 18.31
CA GLN D 127 22.33 -1.88 16.86
C GLN D 127 22.98 -0.68 16.23
N LEU D 128 22.87 0.48 16.88
CA LEU D 128 23.43 1.71 16.32
C LEU D 128 24.94 1.61 16.17
N LYS D 129 25.60 0.83 17.03
CA LYS D 129 27.05 0.64 16.90
C LYS D 129 27.40 -0.09 15.61
N SER D 130 26.44 -0.77 15.00
CA SER D 130 26.62 -1.58 13.80
C SER D 130 26.42 -0.78 12.52
N GLY D 131 25.85 0.41 12.60
CA GLY D 131 25.66 1.25 11.44
C GLY D 131 24.28 1.30 10.85
N THR D 132 23.31 0.54 11.39
CA THR D 132 21.92 0.60 10.97
C THR D 132 21.01 0.83 12.17
N ALA D 133 19.85 1.41 11.88
CA ALA D 133 18.87 1.76 12.89
C ALA D 133 17.52 1.23 12.44
N SER D 134 16.96 0.32 13.22
CA SER D 134 15.61 -0.18 12.99
C SER D 134 14.69 0.47 14.01
N VAL D 135 13.66 1.14 13.51
CA VAL D 135 12.60 1.67 14.33
C VAL D 135 11.36 0.80 14.11
N VAL D 136 10.72 0.39 15.20
CA VAL D 136 9.64 -0.57 15.14
C VAL D 136 8.39 0.08 15.70
N CYS D 137 7.30 -0.10 14.98
CA CYS D 137 5.97 0.30 15.40
C CYS D 137 5.16 -0.96 15.52
N LEU D 138 4.52 -1.11 16.65
CA LEU D 138 3.73 -2.29 16.94
C LEU D 138 2.26 -1.91 17.01
N LEU D 139 1.42 -2.63 16.29
CA LEU D 139 -0.02 -2.49 16.41
C LEU D 139 -0.45 -3.79 17.07
N ASN D 140 -0.97 -3.69 18.29
CA ASN D 140 -1.27 -4.88 19.07
C ASN D 140 -2.77 -5.07 19.12
N ASN D 141 -3.24 -6.23 18.68
CA ASN D 141 -4.58 -6.75 18.93
C ASN D 141 -5.68 -5.88 18.29
N PHE D 142 -5.75 -5.97 16.98
CA PHE D 142 -6.76 -5.20 16.25
C PHE D 142 -7.54 -6.12 15.31
N TYR D 143 -8.72 -5.61 14.90
CA TYR D 143 -9.54 -6.32 13.96
C TYR D 143 -10.40 -5.26 13.34
N PRO D 144 -10.62 -5.24 12.02
CA PRO D 144 -10.10 -6.15 11.00
C PRO D 144 -8.65 -5.94 10.62
N ARG D 145 -8.19 -6.72 9.65
CA ARG D 145 -6.77 -6.79 9.35
C ARG D 145 -6.21 -5.52 8.72
N GLU D 146 -7.04 -4.77 8.01
CA GLU D 146 -6.56 -3.59 7.27
C GLU D 146 -6.16 -2.47 8.23
N ALA D 147 -4.96 -1.98 8.08
CA ALA D 147 -4.50 -0.83 8.85
C ALA D 147 -3.52 -0.03 8.01
N LYS D 148 -3.52 1.28 8.19
CA LYS D 148 -2.57 2.16 7.52
C LYS D 148 -1.54 2.63 8.57
N VAL D 149 -0.28 2.31 8.33
CA VAL D 149 0.84 2.66 9.18
C VAL D 149 1.71 3.58 8.36
N GLN D 150 1.82 4.84 8.75
CA GLN D 150 2.62 5.82 8.02
C GLN D 150 3.72 6.27 8.97
N TRP D 151 4.98 6.12 8.55
CA TRP D 151 6.15 6.61 9.24
C TRP D 151 6.49 8.02 8.79
N LYS D 152 6.92 8.82 9.73
CA LYS D 152 7.36 10.18 9.47
C LYS D 152 8.65 10.35 10.26
N VAL D 153 9.64 10.94 9.61
CA VAL D 153 10.93 11.28 10.20
C VAL D 153 11.07 12.77 9.98
N ASP D 154 11.01 13.56 11.06
CA ASP D 154 11.00 15.04 10.97
C ASP D 154 9.97 15.54 9.94
N ASN D 155 8.81 14.90 9.99
CA ASN D 155 7.64 15.17 9.13
C ASN D 155 7.75 14.67 7.71
N ALA D 156 8.90 14.18 7.31
CA ALA D 156 9.05 13.57 5.98
C ALA D 156 8.42 12.19 6.01
N LEU D 157 7.36 12.01 5.22
CA LEU D 157 6.74 10.70 5.11
C LEU D 157 7.72 9.72 4.49
N GLN D 158 7.84 8.55 5.05
CA GLN D 158 8.73 7.54 4.57
C GLN D 158 8.00 6.59 3.63
N SER D 159 8.67 6.18 2.57
CA SER D 159 8.18 5.13 1.69
C SER D 159 9.39 4.36 1.14
N GLY D 160 9.22 3.05 1.04
CA GLY D 160 10.21 2.18 0.48
C GLY D 160 11.23 1.66 1.46
N ASN D 161 11.19 2.09 2.73
CA ASN D 161 12.21 1.71 3.70
C ASN D 161 11.58 1.11 4.94
N SER D 162 10.37 0.59 4.82
CA SER D 162 9.69 -0.10 5.91
C SER D 162 9.10 -1.42 5.42
N GLN D 163 9.02 -2.38 6.35
CA GLN D 163 8.39 -3.66 6.08
C GLN D 163 7.39 -3.97 7.18
N GLU D 164 6.27 -4.54 6.80
CA GLU D 164 5.21 -4.92 7.74
C GLU D 164 5.16 -6.43 7.88
N SER D 165 4.89 -6.90 9.09
CA SER D 165 4.63 -8.32 9.33
C SER D 165 3.39 -8.38 10.21
N VAL D 166 2.45 -9.24 9.84
CA VAL D 166 1.17 -9.41 10.53
C VAL D 166 1.08 -10.84 11.06
N THR D 167 0.57 -11.00 12.26
CA THR D 167 0.36 -12.33 12.84
C THR D 167 -0.88 -12.98 12.22
N GLU D 168 -1.04 -14.29 12.46
CA GLU D 168 -2.34 -14.91 12.25
C GLU D 168 -3.29 -14.49 13.36
N GLN D 169 -4.57 -14.80 13.15
CA GLN D 169 -5.55 -14.46 14.14
C GLN D 169 -5.22 -15.12 15.46
N ASP D 170 -5.24 -14.32 16.51
CA ASP D 170 -4.84 -14.81 17.81
C ASP D 170 -5.81 -15.92 18.24
N SER D 171 -5.24 -16.96 18.86
CA SER D 171 -6.05 -18.09 19.28
C SER D 171 -7.06 -17.70 20.34
N LYS D 172 -6.71 -16.71 21.18
CA LYS D 172 -7.58 -16.33 22.29
C LYS D 172 -8.67 -15.33 21.86
N ASP D 173 -8.33 -14.22 21.19
CA ASP D 173 -9.30 -13.19 20.88
C ASP D 173 -9.54 -12.96 19.39
N SER D 174 -8.87 -13.70 18.52
CA SER D 174 -9.04 -13.56 17.09
C SER D 174 -8.61 -12.21 16.55
N THR D 175 -7.76 -11.47 17.27
CA THR D 175 -7.26 -10.23 16.71
C THR D 175 -5.96 -10.47 15.92
N TYR D 176 -5.55 -9.46 15.18
CA TYR D 176 -4.24 -9.47 14.56
C TYR D 176 -3.31 -8.60 15.38
N SER D 177 -2.02 -8.78 15.15
CA SER D 177 -0.97 -7.86 15.58
C SER D 177 -0.10 -7.58 14.39
N LEU D 178 0.47 -6.38 14.32
CA LEU D 178 1.30 -6.00 13.18
C LEU D 178 2.51 -5.23 13.64
N SER D 179 3.65 -5.56 13.06
CA SER D 179 4.90 -4.83 13.24
C SER D 179 5.23 -4.10 11.94
N SER D 180 5.59 -2.84 12.06
CA SER D 180 6.14 -2.09 10.93
C SER D 180 7.53 -1.68 11.35
N THR D 181 8.53 -2.08 10.57
CA THR D 181 9.91 -1.84 10.90
C THR D 181 10.48 -0.90 9.88
N LEU D 182 10.88 0.28 10.32
CA LEU D 182 11.55 1.28 9.51
C LEU D 182 13.06 1.13 9.62
N THR D 183 13.73 0.95 8.49
CA THR D 183 15.18 0.76 8.50
C THR D 183 15.90 1.97 7.96
N LEU D 184 16.82 2.50 8.76
CA LEU D 184 17.64 3.64 8.35
C LEU D 184 19.09 3.31 8.63
N SER D 185 20.00 4.05 7.98
CA SER D 185 21.38 4.03 8.42
C SER D 185 21.52 4.78 9.74
N LYS D 186 22.49 4.38 10.56
CA LYS D 186 22.76 5.11 11.79
C LYS D 186 22.95 6.59 11.48
N ALA D 187 23.76 6.91 10.47
CA ALA D 187 24.01 8.31 10.13
C ALA D 187 22.72 9.07 9.89
N ASP D 188 21.86 8.56 9.01
CA ASP D 188 20.57 9.21 8.79
C ASP D 188 19.78 9.31 10.09
N TYR D 189 19.73 8.20 10.85
CA TYR D 189 18.98 8.23 12.11
C TYR D 189 19.45 9.39 12.98
N GLU D 190 20.75 9.61 13.05
CA GLU D 190 21.29 10.66 13.92
C GLU D 190 21.08 12.06 13.34
N LYS D 191 20.79 12.21 12.05
CA LYS D 191 20.55 13.54 11.49
C LYS D 191 19.18 14.12 11.88
N HIS D 192 18.22 13.30 12.37
CA HIS D 192 16.85 13.74 12.63
C HIS D 192 16.44 13.47 14.07
N LYS D 193 15.36 14.13 14.50
CA LYS D 193 14.96 14.09 15.91
C LYS D 193 13.66 13.35 16.19
N VAL D 194 12.59 13.60 15.44
CA VAL D 194 11.27 13.08 15.79
C VAL D 194 10.93 11.93 14.86
N TYR D 195 10.71 10.75 15.43
CA TYR D 195 10.31 9.58 14.67
C TYR D 195 8.89 9.21 15.04
N ALA D 196 8.03 8.99 14.05
CA ALA D 196 6.63 8.82 14.41
C ALA D 196 5.94 7.83 13.48
N CYS D 197 5.05 7.00 14.05
CA CYS D 197 4.16 6.21 13.22
C CYS D 197 2.72 6.64 13.51
N GLU D 198 2.02 6.92 12.43
CA GLU D 198 0.63 7.30 12.49
C GLU D 198 -0.15 6.09 12.00
N VAL D 199 -1.10 5.68 12.81
CA VAL D 199 -1.88 4.49 12.56
C VAL D 199 -3.30 4.92 12.28
N THR D 200 -3.84 4.51 11.16
CA THR D 200 -5.23 4.68 10.84
C THR D 200 -5.88 3.31 10.80
N HIS D 201 -7.02 3.19 11.41
CA HIS D 201 -7.69 1.92 11.55
C HIS D 201 -9.15 2.20 11.88
N GLN D 202 -10.03 1.36 11.34
CA GLN D 202 -11.46 1.44 11.55
C GLN D 202 -11.89 1.59 13.02
N GLY D 203 -11.17 0.96 13.96
CA GLY D 203 -11.56 1.03 15.35
C GLY D 203 -11.11 2.26 16.10
N LEU D 204 -10.24 3.08 15.47
CA LEU D 204 -9.75 4.29 16.08
C LEU D 204 -10.68 5.38 15.63
N SER D 205 -11.19 6.17 16.57
CA SER D 205 -12.08 7.27 16.21
C SER D 205 -11.33 8.38 15.48
N SER D 206 -10.03 8.50 15.69
CA SER D 206 -9.17 9.31 14.82
C SER D 206 -7.76 8.72 14.80
N PRO D 207 -6.95 9.05 13.79
CA PRO D 207 -5.67 8.35 13.67
C PRO D 207 -4.78 8.61 14.89
N VAL D 208 -4.04 7.60 15.27
CA VAL D 208 -3.18 7.67 16.44
C VAL D 208 -1.74 7.77 15.97
N THR D 209 -0.99 8.65 16.64
CA THR D 209 0.43 8.84 16.39
C THR D 209 1.17 8.59 17.68
N LYS D 210 2.14 7.69 17.61
CA LYS D 210 3.14 7.43 18.62
C LYS D 210 4.46 7.89 18.05
N SER D 211 5.24 8.62 18.84
CA SER D 211 6.50 9.16 18.41
C SER D 211 7.48 9.17 19.58
N PHE D 212 8.74 9.36 19.24
CA PHE D 212 9.77 9.68 20.23
C PHE D 212 10.72 10.69 19.61
N ASN D 213 11.34 11.47 20.48
CA ASN D 213 12.48 12.32 20.12
C ASN D 213 13.72 11.46 20.37
N ARG D 214 14.55 11.31 19.37
CA ARG D 214 15.82 10.56 19.52
C ARG D 214 16.61 11.13 20.69
N GLY D 215 16.93 10.27 21.65
CA GLY D 215 17.52 10.68 22.92
C GLY D 215 16.50 11.10 23.96
N GLU D 216 15.39 10.34 24.06
CA GLU D 216 14.30 10.61 24.99
C GLU D 216 14.19 12.07 25.42
N LYS E 6 13.27 52.55 13.26
CA LYS E 6 14.15 51.63 12.54
C LYS E 6 13.34 50.77 11.54
N ASN E 7 13.89 50.59 10.34
CA ASN E 7 13.31 49.63 9.42
C ASN E 7 13.09 48.32 10.16
N GLU E 8 11.87 47.78 10.07
CA GLU E 8 11.58 46.54 10.79
C GLU E 8 12.50 45.40 10.34
N GLN E 9 13.10 45.51 9.17
CA GLN E 9 13.99 44.45 8.73
C GLN E 9 15.34 44.53 9.44
N GLU E 10 15.75 45.72 9.88
CA GLU E 10 16.89 45.78 10.79
C GLU E 10 16.58 45.04 12.07
N LEU E 11 15.33 45.09 12.54
CA LEU E 11 14.96 44.35 13.72
C LEU E 11 14.99 42.84 13.45
N LEU E 12 14.55 42.45 12.26
CA LEU E 12 14.63 41.05 11.88
C LEU E 12 16.07 40.60 11.81
N GLU E 13 16.96 41.46 11.31
CA GLU E 13 18.38 41.13 11.31
C GLU E 13 18.95 41.08 12.73
N LEU E 14 18.45 41.92 13.65
CA LEU E 14 18.92 41.83 15.04
C LEU E 14 18.49 40.51 15.69
N ASP E 15 17.24 40.09 15.48
CA ASP E 15 16.77 38.83 16.01
C ASP E 15 17.57 37.65 15.49
N LYS E 16 17.96 37.70 14.21
CA LYS E 16 18.74 36.62 13.61
C LYS E 16 20.08 36.46 14.30
N TRP E 17 20.80 37.55 14.51
CA TRP E 17 22.11 37.44 15.18
C TRP E 17 21.96 37.07 16.65
N ALA E 18 20.93 37.60 17.31
CA ALA E 18 20.73 37.30 18.73
C ALA E 18 20.50 35.82 18.97
N SER E 19 19.78 35.16 18.04
CA SER E 19 19.48 33.75 18.21
C SER E 19 20.74 32.89 18.18
N LEU E 20 21.79 33.36 17.51
CA LEU E 20 23.08 32.64 17.47
C LEU E 20 23.70 32.47 18.85
N TRP E 21 23.18 33.14 19.87
CA TRP E 21 23.62 32.95 21.25
C TRP E 21 23.05 31.63 21.80
N LYS F 6 -9.56 -51.75 -16.81
CA LYS F 6 -8.45 -50.90 -17.27
C LYS F 6 -7.88 -50.06 -16.11
N ASN F 7 -6.54 -50.05 -15.94
CA ASN F 7 -5.89 -49.19 -14.97
C ASN F 7 -6.44 -47.79 -15.15
N GLU F 8 -6.85 -47.16 -14.05
CA GLU F 8 -7.40 -45.80 -14.14
C GLU F 8 -6.46 -44.82 -14.80
N GLN F 9 -5.16 -45.14 -14.87
CA GLN F 9 -4.23 -44.24 -15.52
C GLN F 9 -4.31 -44.33 -17.03
N GLU F 10 -4.70 -45.49 -17.56
CA GLU F 10 -5.00 -45.55 -18.99
C GLU F 10 -6.18 -44.68 -19.35
N LEU F 11 -7.20 -44.63 -18.49
CA LEU F 11 -8.35 -43.75 -18.69
C LEU F 11 -7.96 -42.28 -18.60
N LEU F 12 -7.08 -41.94 -17.66
CA LEU F 12 -6.57 -40.57 -17.58
C LEU F 12 -5.78 -40.23 -18.83
N GLU F 13 -5.02 -41.20 -19.33
CA GLU F 13 -4.26 -40.99 -20.57
C GLU F 13 -5.18 -40.82 -21.78
N LEU F 14 -6.33 -41.47 -21.78
CA LEU F 14 -7.31 -41.27 -22.84
C LEU F 14 -7.93 -39.88 -22.76
N ASP F 15 -8.28 -39.45 -21.56
CA ASP F 15 -8.85 -38.12 -21.36
C ASP F 15 -7.88 -37.05 -21.84
N LYS F 16 -6.58 -37.27 -21.62
CA LYS F 16 -5.58 -36.31 -22.06
C LYS F 16 -5.54 -36.22 -23.59
N TRP F 17 -5.44 -37.36 -24.28
CA TRP F 17 -5.32 -37.34 -25.73
C TRP F 17 -6.59 -36.81 -26.39
N ALA F 18 -7.74 -37.18 -25.84
CA ALA F 18 -9.01 -36.75 -26.41
C ALA F 18 -9.22 -35.25 -26.32
N SER F 19 -8.83 -34.64 -25.20
CA SER F 19 -9.00 -33.20 -25.06
C SER F 19 -8.16 -32.46 -26.08
N LEU F 20 -7.01 -33.03 -26.47
CA LEU F 20 -6.19 -32.37 -27.48
C LEU F 20 -6.74 -32.52 -28.89
N TRP F 21 -7.33 -33.68 -29.17
CA TRP F 21 -7.94 -33.98 -30.46
C TRP F 21 -9.31 -33.33 -30.62
N ASN F 22 -9.82 -32.69 -29.56
CA ASN F 22 -11.12 -31.99 -29.55
C ASN F 22 -10.96 -30.62 -28.90
N LYS F 23 -10.09 -29.80 -29.49
CA LYS F 23 -9.82 -28.42 -29.03
C LYS F 23 -10.80 -27.45 -29.68
C1 NAG G . 16.78 37.47 -12.68
C2 NAG G . 18.08 37.78 -11.99
C3 NAG G . 18.19 39.26 -11.66
C4 NAG G . 17.78 40.10 -12.87
C5 NAG G . 16.44 39.65 -13.38
C6 NAG G . 15.94 40.45 -14.56
C7 NAG G . 19.24 36.33 -10.38
C8 NAG G . 19.12 35.60 -9.08
N2 NAG G . 18.15 36.98 -10.79
O3 NAG G . 19.51 39.58 -11.27
O4 NAG G . 17.75 41.49 -12.51
O5 NAG G . 16.60 38.31 -13.79
O6 NAG G . 14.98 39.67 -15.30
O7 NAG G . 20.28 36.33 -11.02
H2 NAG G . 18.89 37.51 -12.66
H3 NAG G . 17.49 39.47 -10.85
H4 NAG G . 18.51 39.94 -13.66
H5 NAG G . 15.70 39.70 -12.58
H61 NAG G . 16.77 40.70 -15.21
H62 NAG G . 15.46 41.37 -14.21
H81 NAG G . 19.76 34.72 -9.10
H82 NAG G . 18.08 35.31 -8.91
H83 NAG G . 19.44 36.26 -8.28
HN2 NAG G . 17.30 36.93 -10.22
HO3 NAG G . 19.69 40.52 -11.44
HO6 NAG G . 15.10 38.73 -15.08
C1 NAG G . 18.60 42.17 -13.44
C2 NAG G . 17.97 43.45 -13.97
C3 NAG G . 19.02 44.53 -14.15
C4 NAG G . 19.74 44.80 -12.84
C5 NAG G . 20.02 43.51 -12.06
C6 NAG G . 19.06 43.37 -10.90
C7 NAG G . 16.09 43.53 -15.50
C8 NAG G . 15.33 44.22 -14.41
N2 NAG G . 17.34 43.17 -15.25
O3 NAG G . 18.42 45.74 -14.62
O4 NAG G . 20.98 45.48 -13.12
O5 NAG G . 19.91 42.39 -12.95
O6 NAG G . 19.52 44.21 -9.84
O7 NAG G . 15.59 43.32 -16.60
H2 NAG G . 17.22 43.81 -13.28
H3 NAG G . 19.75 44.18 -14.89
H4 NAG G . 19.13 45.44 -12.23
H5 NAG G . 21.03 43.56 -11.66
H61 NAG G . 19.03 42.35 -10.55
H62 NAG G . 18.06 43.68 -11.21
H81 NAG G . 14.33 44.45 -14.78
H82 NAG G . 15.85 45.14 -14.12
H83 NAG G . 15.26 43.55 -13.54
HN2 NAG G . 17.89 42.69 -15.96
HO3 NAG G . 19.01 46.16 -15.27
HO6 NAG G . 18.78 44.47 -9.27
C1 BMA G . 21.36 46.59 -12.72
C2 BMA G . 20.58 47.78 -13.27
C3 BMA G . 21.29 49.09 -12.95
C4 BMA G . 21.61 49.16 -11.45
C5 BMA G . 22.37 47.92 -11.05
C6 BMA G . 22.69 47.94 -9.58
O2 BMA G . 19.25 47.78 -12.72
O3 BMA G . 20.45 50.18 -13.35
O4 BMA G . 22.38 50.33 -11.16
O5 BMA G . 21.57 46.76 -11.33
O6 BMA G . 23.77 48.85 -9.30
H2 BMA G . 20.52 47.68 -14.35
H3 BMA G . 22.23 49.15 -13.49
H4 BMA G . 20.67 49.21 -10.89
H5 BMA G . 23.30 47.86 -11.63
H61 BMA G . 22.96 46.94 -9.24
H62 BMA G . 21.80 48.26 -9.04
HO2 BMA G . 18.92 48.68 -12.67
HO3 BMA G . 20.67 50.95 -12.79
HO4 BMA G . 23.20 50.32 -11.68
HO6 BMA G . 23.97 48.80 -8.35
C1 NAG H . 9.89 53.77 1.04
C2 NAG H . 9.75 54.83 -0.01
C3 NAG H . 11.08 55.50 -0.16
C4 NAG H . 11.60 55.98 1.19
C5 NAG H . 11.59 54.85 2.20
C6 NAG H . 11.99 55.29 3.59
C7 NAG H . 8.25 54.50 -1.85
C8 NAG H . 8.09 53.86 -3.20
N2 NAG H . 9.39 54.20 -1.23
O3 NAG H . 10.94 56.61 -1.07
O4 NAG H . 12.94 56.45 1.01
O5 NAG H . 10.27 54.37 2.26
O6 NAG H . 11.00 56.19 4.05
O7 NAG H . 7.41 55.28 -1.40
H2 NAG H . 9.02 55.59 0.23
H3 NAG H . 11.76 54.74 -0.54
H4 NAG H . 10.97 56.79 1.54
H5 NAG H . 12.23 54.05 1.87
H61 NAG H . 12.95 55.79 3.54
H62 NAG H . 12.03 54.43 4.27
H81 NAG H . 8.15 52.77 -3.14
H82 NAG H . 8.88 54.23 -3.86
H83 NAG H . 7.12 54.15 -3.59
HN2 NAG H . 10.06 53.55 -1.65
HO3 NAG H . 11.79 57.08 -1.05
HO4 NAG H . 13.59 55.83 1.39
HO6 NAG H . 10.18 56.01 3.57
C1 NAG I . 16.80 -38.65 -8.30
C2 NAG I . 17.28 -38.99 -9.71
C3 NAG I . 16.81 -40.42 -9.98
C4 NAG I . 17.29 -41.32 -8.87
C5 NAG I . 16.89 -40.82 -7.50
C6 NAG I . 17.52 -41.69 -6.42
C7 NAG I . 15.58 -37.59 -10.94
C8 NAG I . 14.51 -37.88 -9.94
N2 NAG I . 16.83 -38.07 -10.75
O3 NAG I . 17.34 -40.82 -11.25
O4 NAG I . 16.63 -42.57 -8.94
O5 NAG I . 17.36 -39.50 -7.32
O6 NAG I . 18.10 -40.87 -5.40
O7 NAG I . 15.30 -36.92 -11.93
H2 NAG I . 18.37 -38.97 -9.71
H3 NAG I . 15.73 -40.45 -9.98
H4 NAG I . 18.37 -41.41 -8.94
H5 NAG I . 15.81 -40.87 -7.43
H61 NAG I . 18.28 -42.32 -6.86
H62 NAG I . 16.76 -42.34 -6.01
H81 NAG I . 13.53 -37.64 -10.37
H82 NAG I . 14.65 -37.26 -9.06
H83 NAG I . 14.53 -38.93 -9.66
HN2 NAG I . 17.52 -37.80 -11.44
HO3 NAG I . 16.99 -41.70 -11.44
HO4 NAG I . 17.25 -43.26 -8.66
HO6 NAG I . 17.94 -39.93 -5.60
#